data_7TVA
#
_entry.id   7TVA
#
_cell.length_a   232.476
_cell.length_b   232.476
_cell.length_c   112.473
_cell.angle_alpha   90.000
_cell.angle_beta   90.000
_cell.angle_gamma   120.000
#
_symmetry.space_group_name_H-M   'H 3'
#
loop_
_entity.id
_entity.type
_entity.pdbx_description
1 polymer 'Signal transducer and activator of transcription 5A'
2 non-polymer N-{5-[difluoro(phosphono)methyl]-1-benzothiophene-2-carbonyl}-3-methyl-L-valyl-L-prolyl-N-(5-{2-[(3R)-2,6-dioxopiperidin-3-yl]-1-oxo-2,3-dihydro-1H-isoindol-4-yl}pent-4-yn-1-yl)-N-methyl-N~3~-[4-(1,3-thiazol-2-yl)phenyl]-beta-alaninamide
3 non-polymer DI(HYDROXYETHYL)ETHER
4 non-polymer 'MALONATE ION'
5 water water
#
_entity_poly.entity_id   1
_entity_poly.type   'polypeptide(L)'
_entity_poly.pdbx_seq_one_letter_code
;SNAAMSQKHLQINQTFEELRLVTQDTENELKKLQQTQEYFIIQYQESLRIQAQFAQLAQLSPQERLSRETALQQKQVSLE
AWLQREAQTLQQYRVELAEKHQKTLQLLRKQQTIILDDELIQWKRRQQLAGNGGPPEGSLDVLQSWCEKLAEIIWQNRQQ
IRRAEHLCQQLPIPGPVEEMLAEVNATITDIISALVTSTFIIEKQPPQVLKTQTKFAATVRLLVGGKLNVHMNPPQVKAT
IISEQQAKSLLKNENTRNECSGEILNNCCVMEYHQATGTLSAHFRNMSLKRIKRADRRGAESVTEEKFTVLFESQFSVGS
NELVFQVKTLSLPVVVIVHGSQDHNATATVLWDNAFAEPGRVPFAVPDKVLWPQLCEALNMKFKAEVQSNRGLTKENLVF
LAQKLFNNSSSHLEDYSGLSVSWSQFNRENLPGWNYTFWQWFDGVMEVLKKHHKPHWNDGAILGFVNKQQAHDLLINKPD
GTFLLRFSDSEIGGITIAWKFDSPERNLWNLKPFTTRDFSIRSLADRLGDLSYLIYVFPDRPKDEVFSKYYTPVLAKAVD
GYVKPQIKQVVPE
;
_entity_poly.pdbx_strand_id   A,B
#
# COMPACT_ATOMS: atom_id res chain seq x y z
N SER A 6 -10.00 -5.55 29.04
CA SER A 6 -11.40 -5.97 29.02
C SER A 6 -11.54 -7.39 28.46
N GLN A 7 -12.54 -8.14 28.95
CA GLN A 7 -12.79 -9.50 28.47
C GLN A 7 -13.31 -9.49 27.02
N LYS A 8 -14.12 -8.48 26.67
CA LYS A 8 -14.64 -8.34 25.31
C LYS A 8 -13.48 -8.05 24.35
N HIS A 9 -12.57 -7.15 24.75
CA HIS A 9 -11.41 -6.78 23.95
C HIS A 9 -10.37 -7.91 23.85
N LEU A 10 -10.26 -8.75 24.89
CA LEU A 10 -9.34 -9.89 24.85
C LEU A 10 -9.83 -10.96 23.85
N GLN A 11 -11.16 -11.09 23.70
CA GLN A 11 -11.80 -12.04 22.79
C GLN A 11 -11.63 -11.61 21.34
N ILE A 12 -11.76 -10.31 21.06
CA ILE A 12 -11.62 -9.78 19.72
C ILE A 12 -10.20 -10.00 19.19
N ASN A 13 -9.20 -9.73 20.04
CA ASN A 13 -7.80 -9.92 19.66
C ASN A 13 -7.45 -11.39 19.50
N GLN A 14 -8.06 -12.28 20.31
CA GLN A 14 -7.84 -13.72 20.22
C GLN A 14 -8.43 -14.27 18.91
N THR A 15 -9.61 -13.78 18.51
CA THR A 15 -10.26 -14.20 17.28
C THR A 15 -9.46 -13.74 16.07
N PHE A 16 -8.84 -12.56 16.14
CA PHE A 16 -8.00 -12.06 15.04
C PHE A 16 -6.76 -12.94 14.85
N GLU A 17 -6.21 -13.47 15.95
CA GLU A 17 -5.05 -14.35 15.93
C GLU A 17 -5.43 -15.69 15.30
N GLU A 18 -6.65 -16.21 15.55
CA GLU A 18 -7.07 -17.46 14.93
C GLU A 18 -7.46 -17.25 13.46
N LEU A 19 -7.98 -16.06 13.11
CA LEU A 19 -8.28 -15.72 11.72
C LEU A 19 -6.98 -15.56 10.91
N ARG A 20 -5.92 -15.07 11.56
CA ARG A 20 -4.62 -14.89 10.95
C ARG A 20 -4.01 -16.27 10.63
N LEU A 21 -4.16 -17.24 11.56
CA LEU A 21 -3.65 -18.59 11.35
C LEU A 21 -4.32 -19.32 10.23
N VAL A 22 -5.66 -19.33 10.21
CA VAL A 22 -6.43 -20.02 9.18
C VAL A 22 -6.27 -19.39 7.80
N THR A 23 -5.93 -18.10 7.72
CA THR A 23 -5.66 -17.47 6.42
C THR A 23 -4.29 -17.95 5.89
N GLN A 24 -3.33 -18.25 6.78
CA GLN A 24 -2.03 -18.78 6.42
C GLN A 24 -2.13 -20.27 6.12
N ASP A 25 -3.03 -21.00 6.80
CA ASP A 25 -3.24 -22.43 6.55
CA ASP A 25 -3.23 -22.44 6.55
C ASP A 25 -3.70 -22.63 5.11
N THR A 26 -4.70 -21.83 4.66
CA THR A 26 -5.19 -21.92 3.29
C THR A 26 -4.21 -21.34 2.27
N GLU A 27 -3.31 -20.45 2.70
CA GLU A 27 -2.29 -19.90 1.82
C GLU A 27 -1.28 -21.01 1.46
N ASN A 28 -0.87 -21.79 2.48
CA ASN A 28 0.06 -22.89 2.32
C ASN A 28 -0.55 -24.07 1.52
N GLU A 29 -1.90 -24.24 1.59
CA GLU A 29 -2.64 -25.27 0.86
C GLU A 29 -2.86 -24.91 -0.60
N LEU A 30 -3.05 -23.63 -0.90
CA LEU A 30 -3.23 -23.14 -2.26
C LEU A 30 -1.88 -23.20 -3.02
N LYS A 31 -0.74 -23.06 -2.32
CA LYS A 31 0.57 -23.19 -2.93
C LYS A 31 0.84 -24.66 -3.31
N LYS A 32 0.41 -25.59 -2.45
CA LYS A 32 0.51 -27.02 -2.64
C LYS A 32 -0.42 -27.45 -3.80
N LEU A 33 -1.64 -26.87 -3.84
CA LEU A 33 -2.63 -27.14 -4.87
C LEU A 33 -2.09 -26.69 -6.23
N GLN A 34 -1.46 -25.51 -6.30
CA GLN A 34 -0.89 -25.03 -7.57
C GLN A 34 0.27 -25.93 -8.04
N GLN A 35 1.04 -26.46 -7.09
CA GLN A 35 2.15 -27.32 -7.42
C GLN A 35 1.67 -28.71 -7.92
N THR A 36 0.61 -29.24 -7.30
CA THR A 36 0.00 -30.50 -7.69
C THR A 36 -0.56 -30.38 -9.10
N GLN A 37 -1.27 -29.29 -9.40
CA GLN A 37 -1.84 -29.04 -10.72
C GLN A 37 -0.75 -28.84 -11.78
N GLU A 38 0.27 -28.04 -11.46
CA GLU A 38 1.37 -27.81 -12.41
C GLU A 38 2.15 -29.09 -12.72
N TYR A 39 2.33 -29.96 -11.72
CA TYR A 39 3.02 -31.23 -11.93
C TYR A 39 2.14 -32.16 -12.77
N PHE A 40 0.83 -32.17 -12.50
CA PHE A 40 -0.14 -32.99 -13.23
C PHE A 40 -0.12 -32.64 -14.72
N ILE A 41 -0.06 -31.34 -15.06
CA ILE A 41 -0.03 -30.89 -16.45
C ILE A 41 1.24 -31.37 -17.19
N ILE A 42 2.40 -31.39 -16.51
CA ILE A 42 3.62 -31.90 -17.12
C ILE A 42 3.48 -33.40 -17.38
N GLN A 43 2.84 -34.15 -16.47
CA GLN A 43 2.63 -35.59 -16.68
C GLN A 43 1.59 -35.88 -17.76
N TYR A 44 0.60 -34.99 -17.95
CA TYR A 44 -0.37 -35.16 -19.03
C TYR A 44 0.30 -34.97 -20.38
N GLN A 45 1.28 -34.05 -20.48
CA GLN A 45 2.03 -33.89 -21.74
C GLN A 45 2.91 -35.12 -21.98
N GLU A 46 3.39 -35.79 -20.92
CA GLU A 46 4.14 -37.03 -21.09
C GLU A 46 3.24 -38.12 -21.68
N SER A 47 1.93 -38.08 -21.38
CA SER A 47 0.89 -38.95 -21.88
C SER A 47 0.69 -38.73 -23.40
N LEU A 48 0.77 -37.47 -23.85
CA LEU A 48 0.69 -37.07 -25.25
C LEU A 48 1.96 -37.50 -25.99
N ARG A 49 3.13 -37.47 -25.32
CA ARG A 49 4.41 -37.89 -25.90
C ARG A 49 4.39 -39.37 -26.25
N ILE A 50 3.69 -40.20 -25.48
CA ILE A 50 3.60 -41.63 -25.74
C ILE A 50 2.87 -41.91 -27.05
N GLN A 51 1.80 -41.15 -27.32
CA GLN A 51 1.04 -41.31 -28.56
C GLN A 51 1.81 -40.87 -29.78
N ALA A 52 2.60 -39.80 -29.64
CA ALA A 52 3.46 -39.29 -30.70
C ALA A 52 4.54 -40.33 -31.03
N GLN A 53 5.09 -40.99 -30.01
CA GLN A 53 6.11 -42.03 -30.16
C GLN A 53 5.53 -43.33 -30.73
N PHE A 54 4.24 -43.61 -30.43
CA PHE A 54 3.54 -44.81 -30.91
C PHE A 54 3.28 -44.70 -32.42
N ALA A 55 2.89 -43.51 -32.89
CA ALA A 55 2.63 -43.23 -34.30
C ALA A 55 3.95 -43.20 -35.08
N GLN A 56 5.02 -42.63 -34.47
CA GLN A 56 6.35 -42.58 -35.08
C GLN A 56 6.96 -43.99 -35.19
N LEU A 57 6.59 -44.90 -34.28
CA LEU A 57 7.07 -46.28 -34.33
C LEU A 57 6.20 -47.13 -35.28
N ALA A 58 4.88 -46.83 -35.36
CA ALA A 58 3.93 -47.56 -36.22
C ALA A 58 4.23 -47.40 -37.71
N GLN A 59 4.81 -46.26 -38.11
CA GLN A 59 5.18 -46.04 -39.51
C GLN A 59 6.30 -47.01 -39.93
N LEU A 60 7.21 -47.33 -39.00
CA LEU A 60 8.30 -48.27 -39.23
C LEU A 60 7.81 -49.74 -39.27
N SER A 61 8.66 -50.64 -39.78
CA SER A 61 8.34 -52.07 -39.87
C SER A 61 8.30 -52.72 -38.47
N PRO A 62 7.52 -53.81 -38.29
CA PRO A 62 7.47 -54.45 -36.96
C PRO A 62 8.58 -55.48 -36.76
N GLN A 63 9.85 -55.08 -36.86
CA GLN A 63 10.96 -56.02 -36.64
C GLN A 63 11.48 -55.80 -35.20
N GLU A 64 12.26 -54.74 -34.95
CA GLU A 64 12.66 -54.41 -33.58
C GLU A 64 11.62 -53.47 -32.90
N ARG A 65 10.49 -53.18 -33.60
CA ARG A 65 9.36 -52.37 -33.14
C ARG A 65 8.63 -53.04 -31.97
N LEU A 66 8.68 -54.39 -31.88
CA LEU A 66 8.06 -55.15 -30.81
C LEU A 66 8.65 -54.77 -29.44
N SER A 67 9.98 -54.63 -29.34
CA SER A 67 10.67 -54.30 -28.08
C SER A 67 10.30 -52.90 -27.56
N ARG A 68 10.29 -51.91 -28.46
CA ARG A 68 9.99 -50.53 -28.11
C ARG A 68 8.49 -50.33 -27.84
N GLU A 69 7.62 -50.89 -28.69
CA GLU A 69 6.18 -50.70 -28.51
C GLU A 69 5.54 -51.62 -27.47
N THR A 70 6.33 -52.38 -26.70
CA THR A 70 5.75 -53.23 -25.65
C THR A 70 5.93 -52.57 -24.30
N ALA A 71 7.12 -51.99 -24.06
CA ALA A 71 7.44 -51.27 -22.83
C ALA A 71 6.68 -49.93 -22.78
N LEU A 72 6.43 -49.32 -23.95
CA LEU A 72 5.68 -48.08 -24.08
C LEU A 72 4.22 -48.32 -23.68
N GLN A 73 3.65 -49.49 -24.01
CA GLN A 73 2.27 -49.79 -23.65
C GLN A 73 2.16 -49.91 -22.12
N GLN A 74 3.14 -50.56 -21.49
CA GLN A 74 3.17 -50.73 -20.05
C GLN A 74 3.30 -49.37 -19.34
N LYS A 75 4.11 -48.47 -19.91
CA LYS A 75 4.33 -47.12 -19.41
C LYS A 75 3.03 -46.31 -19.51
N GLN A 76 2.38 -46.35 -20.68
CA GLN A 76 1.15 -45.62 -20.92
C GLN A 76 0.01 -46.01 -19.97
N VAL A 77 -0.17 -47.31 -19.74
CA VAL A 77 -1.25 -47.83 -18.90
C VAL A 77 -1.09 -47.39 -17.44
N SER A 78 0.14 -47.44 -16.91
CA SER A 78 0.37 -47.04 -15.53
C SER A 78 0.37 -45.52 -15.34
N LEU A 79 0.74 -44.76 -16.39
CA LEU A 79 0.70 -43.31 -16.32
C LEU A 79 -0.76 -42.86 -16.31
N GLU A 80 -1.60 -43.46 -17.16
CA GLU A 80 -3.02 -43.13 -17.23
C GLU A 80 -3.78 -43.43 -15.95
N ALA A 81 -3.31 -44.42 -15.16
CA ALA A 81 -3.92 -44.75 -13.86
C ALA A 81 -3.50 -43.71 -12.80
N TRP A 82 -2.23 -43.24 -12.87
CA TRP A 82 -1.71 -42.21 -11.99
C TRP A 82 -2.49 -40.92 -12.24
N LEU A 83 -2.70 -40.56 -13.53
CA LEU A 83 -3.41 -39.35 -13.92
C LEU A 83 -4.84 -39.40 -13.43
N GLN A 84 -5.51 -40.55 -13.56
CA GLN A 84 -6.90 -40.75 -13.10
C GLN A 84 -7.04 -40.57 -11.57
N ARG A 85 -6.03 -41.00 -10.79
CA ARG A 85 -6.07 -40.82 -9.33
C ARG A 85 -5.66 -39.40 -8.94
N GLU A 86 -4.75 -38.77 -9.71
CA GLU A 86 -4.30 -37.41 -9.47
C GLU A 86 -5.40 -36.40 -9.75
N ALA A 87 -6.24 -36.66 -10.75
CA ALA A 87 -7.38 -35.80 -11.06
C ALA A 87 -8.37 -35.82 -9.88
N GLN A 88 -8.56 -36.97 -9.23
CA GLN A 88 -9.43 -37.07 -8.06
C GLN A 88 -8.85 -36.27 -6.90
N THR A 89 -7.51 -36.35 -6.71
CA THR A 89 -6.77 -35.64 -5.66
C THR A 89 -6.91 -34.14 -5.88
N LEU A 90 -6.76 -33.69 -7.12
CA LEU A 90 -6.89 -32.31 -7.51
C LEU A 90 -8.29 -31.80 -7.19
N GLN A 91 -9.32 -32.62 -7.45
CA GLN A 91 -10.68 -32.23 -7.12
C GLN A 91 -10.88 -32.24 -5.61
N GLN A 92 -10.34 -33.25 -4.91
CA GLN A 92 -10.47 -33.32 -3.46
C GLN A 92 -9.85 -32.11 -2.75
N TYR A 93 -8.64 -31.71 -3.17
CA TYR A 93 -7.92 -30.56 -2.60
C TYR A 93 -8.69 -29.27 -2.85
N ARG A 94 -9.28 -29.13 -4.04
CA ARG A 94 -10.09 -27.98 -4.38
C ARG A 94 -11.30 -27.88 -3.47
N VAL A 95 -12.04 -28.98 -3.25
CA VAL A 95 -13.21 -28.95 -2.38
C VAL A 95 -12.79 -28.61 -0.94
N GLU A 96 -11.70 -29.23 -0.46
CA GLU A 96 -11.21 -28.99 0.89
C GLU A 96 -10.73 -27.54 1.11
N LEU A 97 -10.16 -26.92 0.06
CA LEU A 97 -9.73 -25.53 0.14
C LEU A 97 -10.95 -24.64 0.22
N ALA A 98 -11.98 -24.91 -0.61
CA ALA A 98 -13.20 -24.12 -0.59
C ALA A 98 -13.93 -24.27 0.74
N GLU A 99 -13.87 -25.45 1.37
CA GLU A 99 -14.47 -25.68 2.68
C GLU A 99 -13.77 -24.83 3.74
N LYS A 100 -12.44 -24.73 3.67
CA LYS A 100 -11.69 -23.92 4.64
C LYS A 100 -12.01 -22.46 4.43
N HIS A 101 -12.06 -22.00 3.17
CA HIS A 101 -12.41 -20.61 2.86
C HIS A 101 -13.81 -20.26 3.42
N GLN A 102 -14.80 -21.15 3.27
CA GLN A 102 -16.14 -20.94 3.81
C GLN A 102 -16.09 -20.84 5.32
N LYS A 103 -15.30 -21.70 5.99
CA LYS A 103 -15.16 -21.69 7.44
C LYS A 103 -14.53 -20.39 7.95
N THR A 104 -13.49 -19.88 7.27
CA THR A 104 -12.84 -18.64 7.71
C THR A 104 -13.72 -17.41 7.44
N LEU A 105 -14.50 -17.42 6.35
CA LEU A 105 -15.38 -16.28 6.03
C LEU A 105 -16.57 -16.20 6.98
N GLN A 106 -17.04 -17.34 7.49
CA GLN A 106 -18.17 -17.33 8.44
C GLN A 106 -17.72 -16.85 9.83
N LEU A 107 -16.47 -17.17 10.21
CA LEU A 107 -15.89 -16.67 11.46
C LEU A 107 -15.65 -15.17 11.27
N LEU A 108 -15.12 -14.77 10.10
CA LEU A 108 -14.85 -13.40 9.71
C LEU A 108 -16.14 -12.55 9.81
N ARG A 109 -17.28 -13.08 9.33
CA ARG A 109 -18.57 -12.40 9.39
C ARG A 109 -18.99 -12.12 10.84
N LYS A 110 -18.71 -13.05 11.75
CA LYS A 110 -19.02 -12.92 13.17
C LYS A 110 -18.15 -11.83 13.82
N GLN A 111 -16.88 -11.73 13.42
CA GLN A 111 -15.95 -10.73 13.93
C GLN A 111 -16.29 -9.36 13.37
N GLN A 112 -16.66 -9.29 12.08
CA GLN A 112 -17.05 -8.04 11.45
C GLN A 112 -18.33 -7.50 12.10
N THR A 113 -19.27 -8.38 12.49
CA THR A 113 -20.50 -7.96 13.15
C THR A 113 -20.23 -7.50 14.59
N ILE A 114 -19.23 -8.05 15.27
CA ILE A 114 -18.88 -7.61 16.63
C ILE A 114 -18.32 -6.19 16.59
N ILE A 115 -17.46 -5.90 15.60
CA ILE A 115 -16.82 -4.60 15.51
C ILE A 115 -17.68 -3.51 14.85
N LEU A 116 -18.34 -3.83 13.73
CA LEU A 116 -19.14 -2.84 13.00
C LEU A 116 -20.57 -2.61 13.52
N ASP A 117 -21.24 -3.64 14.08
CA ASP A 117 -22.61 -3.50 14.57
C ASP A 117 -22.73 -3.32 16.09
N ASP A 118 -21.66 -3.63 16.85
CA ASP A 118 -21.68 -3.46 18.29
CA ASP A 118 -21.67 -3.46 18.29
C ASP A 118 -20.69 -2.36 18.71
N GLU A 119 -19.36 -2.61 18.61
CA GLU A 119 -18.33 -1.66 19.00
C GLU A 119 -18.38 -0.30 18.31
N LEU A 120 -18.71 -0.25 17.01
CA LEU A 120 -18.77 1.02 16.29
C LEU A 120 -20.03 1.78 16.68
N ILE A 121 -21.14 1.08 16.81
CA ILE A 121 -22.41 1.67 17.24
C ILE A 121 -22.27 2.27 18.65
N GLN A 122 -21.54 1.57 19.54
CA GLN A 122 -21.23 1.98 20.92
C GLN A 122 -20.49 3.32 20.90
N TRP A 123 -19.52 3.48 19.98
CA TRP A 123 -18.72 4.69 19.81
C TRP A 123 -19.55 5.83 19.23
N LYS A 124 -20.30 5.56 18.15
CA LYS A 124 -21.15 6.57 17.51
C LYS A 124 -22.21 7.13 18.49
N ARG A 125 -22.76 6.26 19.35
CA ARG A 125 -23.73 6.67 20.35
C ARG A 125 -23.06 7.53 21.44
N ARG A 126 -21.86 7.13 21.85
CA ARG A 126 -21.07 7.84 22.83
C ARG A 126 -20.70 9.23 22.28
N GLN A 127 -20.51 9.36 20.96
CA GLN A 127 -20.20 10.62 20.30
C GLN A 127 -21.49 11.49 20.16
N GLN A 128 -22.66 10.84 19.99
CA GLN A 128 -23.93 11.54 19.87
C GLN A 128 -24.26 12.23 21.20
N LEU A 129 -24.12 11.51 22.34
CA LEU A 129 -24.35 12.07 23.67
C LEU A 129 -23.31 13.12 24.04
N ALA A 130 -22.10 13.03 23.49
CA ALA A 130 -21.08 14.05 23.71
C ALA A 130 -21.51 15.41 23.12
N GLY A 131 -22.46 15.42 22.18
CA GLY A 131 -23.04 16.64 21.63
C GLY A 131 -23.94 17.34 22.65
N ASN A 132 -24.48 16.57 23.61
CA ASN A 132 -25.30 17.04 24.71
C ASN A 132 -24.51 17.33 25.98
N GLY A 133 -23.19 17.18 25.95
CA GLY A 133 -22.35 17.43 27.11
C GLY A 133 -21.89 16.21 27.86
N GLY A 134 -22.07 15.04 27.27
CA GLY A 134 -21.66 13.79 27.90
C GLY A 134 -20.18 13.52 27.78
N PRO A 135 -19.74 12.36 28.29
CA PRO A 135 -18.32 11.98 28.23
C PRO A 135 -17.77 11.91 26.81
N PRO A 136 -16.49 12.27 26.61
CA PRO A 136 -15.92 12.21 25.25
C PRO A 136 -15.93 10.80 24.70
N GLU A 137 -16.20 10.68 23.41
CA GLU A 137 -16.29 9.38 22.75
C GLU A 137 -14.99 8.60 22.73
N GLY A 138 -13.85 9.28 22.86
CA GLY A 138 -12.55 8.61 22.83
C GLY A 138 -12.02 8.47 21.42
N SER A 139 -10.73 8.10 21.29
CA SER A 139 -10.11 8.00 19.97
C SER A 139 -10.56 6.82 19.15
N LEU A 140 -10.48 6.98 17.83
CA LEU A 140 -10.80 5.92 16.90
C LEU A 140 -9.57 5.00 16.68
N ASP A 141 -8.64 4.91 17.66
CA ASP A 141 -7.44 4.10 17.52
C ASP A 141 -7.69 2.60 17.60
N VAL A 142 -8.44 2.14 18.63
CA VAL A 142 -8.73 0.71 18.73
C VAL A 142 -9.65 0.29 17.59
N LEU A 143 -10.63 1.12 17.23
CA LEU A 143 -11.52 0.81 16.12
C LEU A 143 -10.78 0.80 14.78
N GLN A 144 -9.71 1.61 14.63
CA GLN A 144 -8.94 1.60 13.40
C GLN A 144 -8.04 0.38 13.36
N SER A 145 -7.39 0.04 14.49
CA SER A 145 -6.53 -1.15 14.52
C SER A 145 -7.29 -2.46 14.28
N TRP A 146 -8.62 -2.47 14.52
CA TRP A 146 -9.47 -3.63 14.27
C TRP A 146 -9.97 -3.65 12.83
N CYS A 147 -10.26 -2.47 12.27
CA CYS A 147 -10.71 -2.38 10.88
C CYS A 147 -9.55 -2.63 9.91
N GLU A 148 -8.31 -2.30 10.30
CA GLU A 148 -7.13 -2.58 9.50
C GLU A 148 -6.92 -4.08 9.43
N LYS A 149 -7.11 -4.79 10.57
CA LYS A 149 -7.03 -6.25 10.64
C LYS A 149 -8.17 -6.90 9.85
N LEU A 150 -9.34 -6.27 9.81
CA LEU A 150 -10.48 -6.77 9.06
C LEU A 150 -10.21 -6.65 7.58
N ALA A 151 -9.61 -5.51 7.15
CA ALA A 151 -9.25 -5.27 5.75
C ALA A 151 -8.12 -6.17 5.32
N GLU A 152 -7.14 -6.42 6.21
CA GLU A 152 -6.01 -7.29 5.93
C GLU A 152 -6.48 -8.73 5.69
N ILE A 153 -7.35 -9.27 6.55
CA ILE A 153 -7.81 -10.64 6.40
C ILE A 153 -8.79 -10.80 5.23
N ILE A 154 -9.75 -9.88 5.03
CA ILE A 154 -10.70 -10.02 3.92
C ILE A 154 -9.98 -9.92 2.57
N TRP A 155 -8.94 -9.07 2.48
CA TRP A 155 -8.23 -8.92 1.21
C TRP A 155 -7.37 -10.13 0.89
N GLN A 156 -6.74 -10.71 1.92
CA GLN A 156 -5.92 -11.90 1.76
C GLN A 156 -6.76 -13.07 1.26
N ASN A 157 -7.96 -13.26 1.84
CA ASN A 157 -8.86 -14.31 1.42
C ASN A 157 -9.41 -14.05 0.03
N ARG A 158 -9.65 -12.78 -0.33
CA ARG A 158 -10.14 -12.45 -1.66
C ARG A 158 -9.07 -12.77 -2.72
N GLN A 159 -7.80 -12.52 -2.39
CA GLN A 159 -6.70 -12.80 -3.30
C GLN A 159 -6.47 -14.30 -3.44
N GLN A 160 -6.63 -15.06 -2.35
CA GLN A 160 -6.50 -16.51 -2.37
C GLN A 160 -7.57 -17.17 -3.24
N ILE A 161 -8.84 -16.76 -3.09
CA ILE A 161 -9.91 -17.34 -3.89
C ILE A 161 -9.80 -16.94 -5.37
N ARG A 162 -9.18 -15.80 -5.68
CA ARG A 162 -9.00 -15.39 -7.08
C ARG A 162 -7.86 -16.16 -7.74
N ARG A 163 -6.84 -16.55 -6.97
CA ARG A 163 -5.77 -17.39 -7.48
C ARG A 163 -6.32 -18.80 -7.72
N ALA A 164 -7.17 -19.30 -6.80
CA ALA A 164 -7.85 -20.58 -6.88
C ALA A 164 -8.72 -20.66 -8.12
N GLU A 165 -9.43 -19.57 -8.45
CA GLU A 165 -10.26 -19.54 -9.65
C GLU A 165 -9.41 -19.56 -10.89
N HIS A 166 -8.22 -18.91 -10.88
CA HIS A 166 -7.34 -18.96 -12.05
C HIS A 166 -6.84 -20.40 -12.29
N LEU A 167 -6.67 -21.20 -11.24
CA LEU A 167 -6.29 -22.59 -11.38
C LEU A 167 -7.45 -23.37 -12.03
N CYS A 168 -8.69 -23.10 -11.59
CA CYS A 168 -9.91 -23.71 -12.12
C CYS A 168 -10.09 -23.42 -13.60
N GLN A 169 -9.77 -22.21 -14.06
CA GLN A 169 -9.91 -21.88 -15.48
C GLN A 169 -8.79 -22.52 -16.32
N GLN A 170 -7.61 -22.75 -15.74
CA GLN A 170 -6.51 -23.42 -16.40
C GLN A 170 -6.84 -24.90 -16.60
N LEU A 171 -7.46 -25.54 -15.60
CA LEU A 171 -7.82 -26.95 -15.66
C LEU A 171 -9.19 -27.19 -15.00
N PRO A 172 -10.27 -27.00 -15.75
CA PRO A 172 -11.61 -27.18 -15.16
C PRO A 172 -12.01 -28.62 -14.90
N ILE A 173 -12.53 -28.87 -13.70
CA ILE A 173 -13.04 -30.16 -13.28
C ILE A 173 -14.47 -29.87 -12.82
N PRO A 174 -15.47 -30.38 -13.54
CA PRO A 174 -16.86 -30.07 -13.16
C PRO A 174 -17.32 -30.76 -11.89
N GLY A 175 -18.07 -30.04 -11.07
CA GLY A 175 -18.57 -30.60 -9.83
C GLY A 175 -19.09 -29.56 -8.85
N PRO A 176 -18.98 -29.87 -7.55
CA PRO A 176 -19.49 -28.94 -6.54
C PRO A 176 -18.64 -27.69 -6.32
N VAL A 177 -17.36 -27.74 -6.71
CA VAL A 177 -16.44 -26.61 -6.55
C VAL A 177 -16.98 -25.31 -7.16
N GLU A 178 -17.63 -25.37 -8.34
CA GLU A 178 -18.16 -24.16 -8.98
C GLU A 178 -19.21 -23.44 -8.14
N GLU A 179 -20.10 -24.18 -7.46
CA GLU A 179 -21.13 -23.58 -6.62
C GLU A 179 -20.52 -23.08 -5.30
N MET A 180 -19.49 -23.75 -4.79
CA MET A 180 -18.80 -23.34 -3.56
C MET A 180 -18.04 -22.05 -3.82
N LEU A 181 -17.36 -21.94 -4.97
CA LEU A 181 -16.59 -20.76 -5.36
C LEU A 181 -17.48 -19.56 -5.59
N ALA A 182 -18.69 -19.77 -6.12
CA ALA A 182 -19.64 -18.68 -6.35
C ALA A 182 -20.20 -18.18 -5.02
N GLU A 183 -20.48 -19.12 -4.09
CA GLU A 183 -21.00 -18.86 -2.75
C GLU A 183 -19.95 -18.11 -1.91
N VAL A 184 -18.67 -18.45 -2.09
CA VAL A 184 -17.56 -17.79 -1.42
C VAL A 184 -17.33 -16.39 -2.02
N ASN A 185 -17.55 -16.23 -3.33
CA ASN A 185 -17.43 -14.95 -4.01
C ASN A 185 -18.52 -14.00 -3.56
N ALA A 186 -19.75 -14.50 -3.40
CA ALA A 186 -20.86 -13.67 -2.93
C ALA A 186 -20.62 -13.19 -1.48
N THR A 187 -19.99 -14.03 -0.66
CA THR A 187 -19.69 -13.72 0.74
C THR A 187 -18.64 -12.62 0.86
N ILE A 188 -17.55 -12.68 0.06
CA ILE A 188 -16.52 -11.64 0.16
C ILE A 188 -17.00 -10.29 -0.35
N THR A 189 -17.92 -10.25 -1.33
CA THR A 189 -18.41 -8.95 -1.81
C THR A 189 -19.31 -8.31 -0.73
N ASP A 190 -20.05 -9.11 0.06
CA ASP A 190 -20.86 -8.54 1.14
C ASP A 190 -19.98 -8.02 2.26
N ILE A 191 -18.99 -8.82 2.68
CA ILE A 191 -18.05 -8.42 3.72
C ILE A 191 -17.22 -7.20 3.26
N ILE A 192 -16.89 -7.10 1.97
CA ILE A 192 -16.12 -5.96 1.46
C ILE A 192 -16.96 -4.71 1.37
N SER A 193 -18.26 -4.83 1.06
CA SER A 193 -19.13 -3.65 0.97
C SER A 193 -19.49 -3.14 2.34
N ALA A 194 -19.81 -4.06 3.27
CA ALA A 194 -20.17 -3.67 4.62
C ALA A 194 -18.99 -3.04 5.35
N LEU A 195 -17.76 -3.50 5.09
CA LEU A 195 -16.59 -2.94 5.77
C LEU A 195 -16.31 -1.57 5.22
N VAL A 196 -16.31 -1.43 3.88
CA VAL A 196 -16.01 -0.17 3.23
C VAL A 196 -17.08 0.91 3.50
N THR A 197 -18.36 0.62 3.26
CA THR A 197 -19.44 1.60 3.46
C THR A 197 -19.66 1.99 4.93
N SER A 198 -19.30 1.09 5.85
CA SER A 198 -19.48 1.37 7.28
C SER A 198 -18.30 2.07 7.93
N THR A 199 -17.11 2.08 7.31
CA THR A 199 -15.96 2.73 7.95
C THR A 199 -15.63 4.12 7.42
N PHE A 200 -16.54 4.73 6.65
CA PHE A 200 -16.43 6.10 6.19
C PHE A 200 -17.27 6.86 7.23
N ILE A 201 -16.62 7.25 8.33
CA ILE A 201 -17.34 7.85 9.44
C ILE A 201 -16.91 9.27 9.78
N ILE A 202 -17.78 10.02 10.49
CA ILE A 202 -17.48 11.39 10.93
C ILE A 202 -16.85 11.37 12.32
N GLU A 203 -15.59 11.78 12.42
CA GLU A 203 -14.82 11.80 13.66
C GLU A 203 -15.13 13.09 14.47
N LYS A 204 -15.31 14.20 13.77
CA LYS A 204 -15.60 15.49 14.35
C LYS A 204 -16.84 16.04 13.66
N GLN A 205 -17.97 16.03 14.36
CA GLN A 205 -19.23 16.47 13.81
C GLN A 205 -19.31 17.99 13.61
N PRO A 206 -20.08 18.45 12.61
CA PRO A 206 -20.27 19.91 12.48
C PRO A 206 -21.16 20.45 13.63
N PRO A 207 -21.17 21.77 13.94
CA PRO A 207 -22.00 22.27 15.05
C PRO A 207 -23.46 21.95 14.81
N GLN A 208 -24.13 21.39 15.82
CA GLN A 208 -25.52 21.02 15.67
C GLN A 208 -26.44 22.23 15.66
N VAL A 209 -26.01 23.36 16.22
CA VAL A 209 -26.77 24.61 16.13
C VAL A 209 -25.88 25.46 15.24
N LEU A 210 -26.20 25.44 13.95
CA LEU A 210 -25.40 26.06 12.91
C LEU A 210 -25.97 27.37 12.38
N LYS A 211 -25.18 28.43 12.43
CA LYS A 211 -25.62 29.73 11.94
C LYS A 211 -25.08 29.99 10.53
N THR A 212 -25.89 30.65 9.70
CA THR A 212 -25.52 31.02 8.34
C THR A 212 -24.33 32.03 8.36
N GLN A 213 -23.48 32.02 7.31
CA GLN A 213 -22.31 32.93 7.19
C GLN A 213 -21.28 32.74 8.32
N THR A 214 -21.23 31.55 8.92
CA THR A 214 -20.31 31.27 10.02
C THR A 214 -19.44 30.09 9.70
N LYS A 215 -18.12 30.25 9.87
CA LYS A 215 -17.14 29.20 9.63
C LYS A 215 -17.33 28.04 10.59
N PHE A 216 -17.15 26.83 10.09
CA PHE A 216 -17.28 25.63 10.90
C PHE A 216 -16.39 24.49 10.38
N ALA A 217 -16.19 23.46 11.21
CA ALA A 217 -15.31 22.36 10.83
C ALA A 217 -15.90 20.98 11.01
N ALA A 218 -15.46 20.05 10.19
CA ALA A 218 -15.83 18.64 10.25
C ALA A 218 -14.64 17.80 9.84
N THR A 219 -14.56 16.57 10.38
CA THR A 219 -13.48 15.64 10.05
C THR A 219 -14.08 14.30 9.74
N VAL A 220 -13.79 13.77 8.55
CA VAL A 220 -14.30 12.48 8.09
C VAL A 220 -13.13 11.53 7.94
N ARG A 221 -13.25 10.30 8.42
CA ARG A 221 -12.18 9.31 8.37
C ARG A 221 -12.62 8.07 7.63
N LEU A 222 -11.70 7.42 6.91
CA LEU A 222 -11.98 6.13 6.30
C LEU A 222 -11.10 5.17 7.10
N LEU A 223 -11.71 4.37 7.99
CA LEU A 223 -10.97 3.50 8.91
C LEU A 223 -10.13 2.43 8.21
N VAL A 224 -10.53 1.97 7.01
CA VAL A 224 -9.76 0.99 6.25
C VAL A 224 -8.98 1.66 5.12
N GLY A 225 -8.46 2.86 5.38
CA GLY A 225 -7.75 3.64 4.39
C GLY A 225 -6.47 3.01 3.89
N GLY A 226 -5.47 2.94 4.76
CA GLY A 226 -4.17 2.37 4.44
C GLY A 226 -4.22 0.93 3.95
N LYS A 227 -4.89 0.05 4.70
CA LYS A 227 -4.93 -1.39 4.37
C LYS A 227 -5.70 -1.78 3.11
N LEU A 228 -6.36 -0.84 2.41
CA LEU A 228 -7.02 -1.18 1.13
C LEU A 228 -6.47 -0.38 -0.08
N ASN A 229 -5.33 0.33 0.11
CA ASN A 229 -4.64 1.14 -0.89
C ASN A 229 -5.49 2.31 -1.41
N VAL A 230 -6.44 2.80 -0.59
CA VAL A 230 -7.25 3.96 -0.97
C VAL A 230 -6.39 5.23 -0.97
N HIS A 231 -5.46 5.31 0.01
CA HIS A 231 -4.48 6.38 0.15
C HIS A 231 -3.49 6.47 -1.02
N MET A 232 -3.55 5.55 -2.01
CA MET A 232 -2.67 5.58 -3.18
C MET A 232 -2.93 6.83 -3.97
N ASN A 233 -4.19 7.16 -4.17
CA ASN A 233 -4.60 8.40 -4.80
C ASN A 233 -5.86 8.84 -4.04
N PRO A 234 -5.65 9.55 -2.90
CA PRO A 234 -6.78 9.93 -2.03
C PRO A 234 -7.96 10.58 -2.73
N PRO A 235 -9.18 10.19 -2.32
CA PRO A 235 -10.36 10.71 -3.00
C PRO A 235 -10.82 12.07 -2.52
N GLN A 236 -11.64 12.73 -3.34
CA GLN A 236 -12.20 14.01 -2.98
C GLN A 236 -13.53 13.75 -2.25
N VAL A 237 -13.71 14.39 -1.08
CA VAL A 237 -14.93 14.27 -0.28
C VAL A 237 -15.76 15.53 -0.47
N LYS A 238 -17.06 15.38 -0.67
CA LYS A 238 -17.93 16.53 -0.92
C LYS A 238 -19.02 16.70 0.13
N ALA A 239 -18.93 17.83 0.88
CA ALA A 239 -19.90 18.19 1.90
C ALA A 239 -21.08 18.91 1.26
N THR A 240 -22.28 18.45 1.53
CA THR A 240 -23.49 19.02 0.93
C THR A 240 -24.61 19.04 1.99
N ILE A 241 -25.35 20.17 2.16
CA ILE A 241 -26.39 20.24 3.20
C ILE A 241 -27.72 19.70 2.69
N ILE A 242 -28.16 18.59 3.28
CA ILE A 242 -29.39 17.89 2.89
C ILE A 242 -30.46 18.04 3.99
N SER A 243 -31.75 18.12 3.60
CA SER A 243 -32.85 18.27 4.56
C SER A 243 -33.26 16.93 5.19
N GLU A 244 -34.25 16.93 6.12
CA GLU A 244 -34.71 15.70 6.75
C GLU A 244 -35.43 14.81 5.72
N GLN A 245 -36.29 15.41 4.88
CA GLN A 245 -36.98 14.64 3.84
C GLN A 245 -36.01 14.15 2.79
N GLN A 246 -35.04 14.98 2.42
CA GLN A 246 -34.02 14.58 1.45
C GLN A 246 -33.19 13.40 1.96
N ALA A 247 -32.98 13.29 3.29
CA ALA A 247 -32.23 12.19 3.89
C ALA A 247 -33.05 10.89 3.95
N LYS A 248 -34.38 11.00 4.05
CA LYS A 248 -35.26 9.82 4.09
C LYS A 248 -35.23 9.12 2.73
N SER A 249 -35.28 9.91 1.64
CA SER A 249 -35.26 9.37 0.28
C SER A 249 -33.88 8.85 -0.08
N LEU A 250 -32.82 9.54 0.34
CA LEU A 250 -31.45 9.10 0.06
C LEU A 250 -31.18 7.73 0.66
N LEU A 251 -31.69 7.48 1.88
CA LEU A 251 -31.48 6.20 2.54
C LEU A 251 -32.44 5.12 2.06
N LYS A 252 -33.64 5.50 1.60
CA LYS A 252 -34.60 4.51 1.06
C LYS A 252 -34.41 4.31 -0.46
N ASN A 253 -33.19 4.59 -0.99
CA ASN A 253 -32.76 4.47 -2.37
C ASN A 253 -33.55 5.31 -3.40
N GLU A 254 -34.58 6.04 -2.96
CA GLU A 254 -35.40 6.89 -3.83
C GLU A 254 -34.79 8.30 -3.97
N ASN A 255 -33.46 8.37 -4.04
CA ASN A 255 -32.69 9.61 -4.16
C ASN A 255 -32.95 10.29 -5.52
N THR A 256 -32.92 9.48 -6.61
CA THR A 256 -33.11 9.87 -8.01
C THR A 256 -31.99 10.88 -8.42
N ARG A 257 -32.19 12.21 -8.26
CA ARG A 257 -31.15 13.19 -8.58
C ARG A 257 -30.40 13.58 -7.30
N ASN A 258 -29.16 14.07 -7.44
CA ASN A 258 -28.39 14.51 -6.27
C ASN A 258 -28.91 15.85 -5.75
N GLU A 259 -29.94 15.76 -4.89
CA GLU A 259 -30.66 16.87 -4.26
C GLU A 259 -29.83 17.54 -3.16
N CYS A 260 -30.20 18.81 -2.81
CA CYS A 260 -29.58 19.61 -1.74
C CYS A 260 -30.46 20.79 -1.33
N SER A 261 -30.29 21.28 -0.11
CA SER A 261 -31.08 22.41 0.38
C SER A 261 -30.24 23.59 0.87
N GLY A 262 -29.18 23.90 0.16
CA GLY A 262 -28.31 25.02 0.50
C GLY A 262 -26.92 24.95 -0.07
N GLU A 263 -26.13 26.02 0.11
CA GLU A 263 -24.77 26.07 -0.39
C GLU A 263 -23.71 26.10 0.71
N ILE A 264 -22.71 25.22 0.62
CA ILE A 264 -21.62 25.19 1.59
C ILE A 264 -20.32 25.61 0.90
N LEU A 265 -19.74 26.74 1.32
CA LEU A 265 -18.47 27.25 0.81
C LEU A 265 -17.35 26.38 1.35
N ASN A 266 -16.32 26.10 0.52
CA ASN A 266 -15.16 25.27 0.90
C ASN A 266 -15.60 23.86 1.32
N ASN A 267 -16.36 23.19 0.44
CA ASN A 267 -16.94 21.87 0.68
C ASN A 267 -16.24 20.69 0.00
N CYS A 268 -15.14 20.93 -0.71
CA CYS A 268 -14.41 19.87 -1.38
C CYS A 268 -13.07 19.74 -0.66
N CYS A 269 -12.74 18.51 -0.23
CA CYS A 269 -11.52 18.28 0.50
C CYS A 269 -10.97 16.91 0.18
N VAL A 270 -9.70 16.85 -0.20
CA VAL A 270 -9.05 15.59 -0.51
C VAL A 270 -8.54 14.96 0.79
N MET A 271 -8.68 13.64 0.93
CA MET A 271 -8.22 12.95 2.14
C MET A 271 -6.71 12.99 2.30
N GLU A 272 -6.23 12.99 3.54
CA GLU A 272 -4.81 13.09 3.84
C GLU A 272 -4.38 11.88 4.64
N TYR A 273 -3.33 11.17 4.17
CA TYR A 273 -2.84 10.00 4.88
C TYR A 273 -1.71 10.44 5.76
N HIS A 274 -1.74 10.06 7.04
CA HIS A 274 -0.67 10.40 7.97
C HIS A 274 0.12 9.14 8.29
N GLN A 275 1.40 9.10 7.90
CA GLN A 275 2.26 7.95 8.24
C GLN A 275 2.55 8.00 9.75
N ALA A 276 2.85 6.84 10.37
CA ALA A 276 3.08 6.70 11.82
C ALA A 276 1.80 7.09 12.58
N THR A 277 0.66 6.60 12.09
CA THR A 277 -0.74 6.74 12.57
C THR A 277 -1.65 5.86 11.72
N GLY A 278 -1.39 5.80 10.41
CA GLY A 278 -2.15 5.01 9.45
C GLY A 278 -3.56 5.52 9.21
N THR A 279 -3.83 6.80 9.54
CA THR A 279 -5.15 7.41 9.39
C THR A 279 -5.32 8.17 8.07
N LEU A 280 -6.42 7.87 7.36
CA LEU A 280 -6.78 8.52 6.11
C LEU A 280 -8.00 9.40 6.43
N SER A 281 -7.81 10.72 6.60
CA SER A 281 -8.90 11.60 6.97
C SER A 281 -8.98 12.90 6.17
N ALA A 282 -10.21 13.42 5.96
CA ALA A 282 -10.44 14.68 5.27
C ALA A 282 -10.85 15.76 6.31
N HIS A 283 -9.96 16.72 6.56
CA HIS A 283 -10.23 17.79 7.51
C HIS A 283 -10.81 18.99 6.78
N PHE A 284 -12.07 19.29 7.01
CA PHE A 284 -12.70 20.48 6.43
C PHE A 284 -12.57 21.50 7.53
N ARG A 285 -11.70 22.53 7.37
CA ARG A 285 -11.48 23.51 8.44
C ARG A 285 -12.17 24.87 8.20
N ASN A 286 -12.49 25.18 6.94
CA ASN A 286 -13.06 26.47 6.61
C ASN A 286 -14.44 26.44 5.94
N MET A 287 -15.32 25.51 6.33
CA MET A 287 -16.66 25.44 5.75
C MET A 287 -17.54 26.58 6.20
N SER A 288 -18.51 26.98 5.39
CA SER A 288 -19.44 28.05 5.79
C SER A 288 -20.75 27.92 5.04
N LEU A 289 -21.86 28.14 5.73
CA LEU A 289 -23.17 28.02 5.11
C LEU A 289 -23.61 29.33 4.44
N LYS A 290 -23.43 29.42 3.12
CA LYS A 290 -23.77 30.59 2.31
C LYS A 290 -25.28 30.85 2.29
N ARG A 291 -26.09 29.81 2.04
CA ARG A 291 -27.55 29.97 2.01
C ARG A 291 -28.26 28.68 2.44
N ILE A 292 -29.55 28.80 2.79
CA ILE A 292 -30.33 27.65 3.23
C ILE A 292 -31.74 27.69 2.64
N LYS A 293 -32.28 26.52 2.24
CA LYS A 293 -33.62 26.44 1.67
C LYS A 293 -34.61 25.89 2.70
N ARG A 294 -35.72 26.59 2.92
CA ARG A 294 -36.73 26.14 3.88
C ARG A 294 -38.05 25.68 3.16
N ALA A 295 -39.21 25.60 3.90
CA ALA A 295 -40.52 25.20 3.37
C ALA A 295 -41.64 25.74 4.28
N SER A 302 -41.60 25.17 12.74
CA SER A 302 -40.77 26.35 13.00
C SER A 302 -39.31 26.15 12.56
N VAL A 303 -38.57 27.27 12.41
CA VAL A 303 -37.15 27.30 12.00
C VAL A 303 -36.29 26.47 12.97
N THR A 304 -36.49 26.69 14.27
CA THR A 304 -35.78 26.04 15.37
C THR A 304 -36.09 24.54 15.52
N GLU A 305 -37.13 24.04 14.86
CA GLU A 305 -37.44 22.61 14.86
C GLU A 305 -37.06 21.92 13.54
N GLU A 306 -36.65 22.70 12.52
CA GLU A 306 -36.27 22.24 11.19
C GLU A 306 -34.88 21.63 11.20
N LYS A 307 -34.79 20.32 10.96
CA LYS A 307 -33.52 19.60 10.96
C LYS A 307 -32.97 19.42 9.56
N PHE A 308 -31.65 19.48 9.46
CA PHE A 308 -30.86 19.26 8.26
C PHE A 308 -29.73 18.26 8.62
N THR A 309 -28.80 17.99 7.69
CA THR A 309 -27.67 17.10 7.92
C THR A 309 -26.58 17.39 6.89
N VAL A 310 -25.30 17.25 7.29
CA VAL A 310 -24.22 17.45 6.35
C VAL A 310 -23.86 16.11 5.74
N LEU A 311 -24.24 15.91 4.48
CA LEU A 311 -23.98 14.71 3.71
C LEU A 311 -22.54 14.72 3.19
N PHE A 312 -21.77 13.67 3.47
CA PHE A 312 -20.41 13.57 2.98
C PHE A 312 -20.32 12.43 1.98
N GLU A 313 -20.10 12.76 0.71
CA GLU A 313 -20.02 11.74 -0.33
C GLU A 313 -18.61 11.63 -0.87
N SER A 314 -18.22 10.43 -1.26
CA SER A 314 -16.92 10.15 -1.86
C SER A 314 -17.04 8.91 -2.74
N GLN A 315 -16.10 8.74 -3.66
CA GLN A 315 -16.10 7.60 -4.56
C GLN A 315 -14.68 7.16 -4.75
N PHE A 316 -14.37 5.90 -4.46
CA PHE A 316 -13.02 5.39 -4.60
C PHE A 316 -12.96 3.94 -5.06
N SER A 317 -11.83 3.54 -5.66
CA SER A 317 -11.64 2.17 -6.10
C SER A 317 -10.75 1.41 -5.13
N VAL A 318 -11.25 0.27 -4.61
CA VAL A 318 -10.48 -0.55 -3.69
C VAL A 318 -9.68 -1.61 -4.46
N GLY A 319 -8.36 -1.54 -4.35
CA GLY A 319 -7.44 -2.45 -5.02
C GLY A 319 -7.58 -2.38 -6.52
N SER A 320 -8.38 -3.31 -7.08
CA SER A 320 -8.65 -3.40 -8.51
C SER A 320 -9.32 -2.12 -9.05
N ASN A 321 -9.06 -1.81 -10.33
CA ASN A 321 -9.62 -0.64 -11.00
C ASN A 321 -11.16 -0.75 -11.09
N GLU A 322 -11.65 -1.98 -11.42
CA GLU A 322 -13.06 -2.31 -11.59
C GLU A 322 -13.78 -2.69 -10.29
N LEU A 323 -13.43 -2.05 -9.18
CA LEU A 323 -14.10 -2.29 -7.91
C LEU A 323 -14.25 -0.94 -7.21
N VAL A 324 -15.22 -0.13 -7.67
CA VAL A 324 -15.42 1.24 -7.17
C VAL A 324 -16.66 1.38 -6.27
N PHE A 325 -16.47 1.97 -5.07
CA PHE A 325 -17.50 2.17 -4.07
C PHE A 325 -17.94 3.62 -3.94
N GLN A 326 -19.24 3.86 -3.82
CA GLN A 326 -19.76 5.20 -3.62
C GLN A 326 -20.20 5.33 -2.17
N VAL A 327 -19.33 5.89 -1.33
CA VAL A 327 -19.63 6.02 0.09
C VAL A 327 -20.34 7.33 0.40
N LYS A 328 -21.27 7.29 1.37
CA LYS A 328 -22.05 8.46 1.81
C LYS A 328 -22.28 8.35 3.31
N THR A 329 -21.96 9.40 4.07
CA THR A 329 -22.21 9.39 5.52
C THR A 329 -23.00 10.62 5.93
N LEU A 330 -23.96 10.45 6.83
CA LEU A 330 -24.78 11.57 7.29
C LEU A 330 -24.33 12.06 8.64
N SER A 331 -24.21 13.38 8.78
CA SER A 331 -23.86 13.96 10.07
C SER A 331 -25.06 13.89 11.02
N LEU A 332 -24.84 14.17 12.31
CA LEU A 332 -25.94 14.21 13.26
C LEU A 332 -26.86 15.40 12.86
N PRO A 333 -28.17 15.33 13.17
CA PRO A 333 -29.06 16.44 12.78
C PRO A 333 -28.54 17.82 13.14
N VAL A 334 -28.69 18.78 12.22
CA VAL A 334 -28.24 20.14 12.41
C VAL A 334 -29.45 21.09 12.30
N VAL A 335 -29.61 22.04 13.23
CA VAL A 335 -30.68 23.03 13.13
C VAL A 335 -30.05 24.36 12.69
N VAL A 336 -30.47 24.88 11.52
CA VAL A 336 -29.88 26.12 11.00
C VAL A 336 -30.59 27.38 11.47
N ILE A 337 -29.91 28.17 12.31
CA ILE A 337 -30.42 29.44 12.79
C ILE A 337 -29.88 30.61 11.94
N VAL A 338 -30.53 31.78 12.00
CA VAL A 338 -30.15 32.92 11.19
C VAL A 338 -29.74 34.16 12.02
N HIS A 339 -30.08 34.20 13.35
CA HIS A 339 -29.73 35.40 14.13
C HIS A 339 -29.16 35.19 15.54
N GLY A 340 -28.89 33.95 15.93
CA GLY A 340 -28.30 33.70 17.25
C GLY A 340 -29.28 33.82 18.40
N SER A 341 -30.36 34.56 18.20
CA SER A 341 -31.44 34.66 19.18
C SER A 341 -32.22 33.32 19.19
N GLN A 342 -32.28 32.62 18.02
CA GLN A 342 -32.92 31.32 17.84
C GLN A 342 -32.08 30.15 18.40
N ASP A 343 -30.86 30.42 18.90
CA ASP A 343 -29.93 29.43 19.44
C ASP A 343 -30.51 28.67 20.62
N HIS A 344 -31.31 29.35 21.43
CA HIS A 344 -31.91 28.78 22.63
C HIS A 344 -33.00 27.74 22.32
N ASN A 345 -33.83 28.01 21.31
CA ASN A 345 -34.89 27.08 20.94
C ASN A 345 -34.37 25.90 20.10
N ALA A 346 -33.35 26.16 19.27
CA ALA A 346 -32.71 25.15 18.45
C ALA A 346 -31.98 24.12 19.31
N THR A 347 -31.40 24.56 20.45
CA THR A 347 -30.68 23.70 21.39
C THR A 347 -31.59 22.63 22.00
N ALA A 348 -32.88 22.93 22.16
CA ALA A 348 -33.83 21.96 22.70
C ALA A 348 -34.11 20.85 21.69
N THR A 349 -34.14 21.18 20.39
CA THR A 349 -34.35 20.22 19.31
C THR A 349 -33.17 19.27 19.26
N VAL A 350 -31.95 19.82 19.33
CA VAL A 350 -30.72 19.05 19.29
C VAL A 350 -30.62 18.18 20.55
N LEU A 351 -30.92 18.73 21.73
CA LEU A 351 -30.85 17.98 22.97
C LEU A 351 -31.82 16.81 22.96
N TRP A 352 -33.06 17.05 22.55
CA TRP A 352 -34.05 15.98 22.48
C TRP A 352 -33.62 14.89 21.49
N ASP A 353 -33.10 15.29 20.33
CA ASP A 353 -32.64 14.37 19.30
C ASP A 353 -31.46 13.52 19.74
N ASN A 354 -30.37 14.16 20.23
CA ASN A 354 -29.18 13.47 20.67
C ASN A 354 -29.48 12.47 21.77
N ALA A 355 -30.33 12.86 22.73
CA ALA A 355 -30.63 12.02 23.87
C ALA A 355 -31.56 10.86 23.62
N PHE A 356 -32.58 11.06 22.79
CA PHE A 356 -33.62 10.05 22.65
C PHE A 356 -33.69 9.37 21.29
N ALA A 357 -32.65 9.50 20.47
CA ALA A 357 -32.64 8.84 19.16
C ALA A 357 -32.48 7.35 19.36
N GLU A 358 -33.34 6.55 18.70
CA GLU A 358 -33.23 5.09 18.79
C GLU A 358 -32.22 4.56 17.76
N PRO A 359 -31.52 3.46 18.08
CA PRO A 359 -30.55 2.92 17.11
C PRO A 359 -31.24 2.42 15.85
N GLY A 360 -30.59 2.61 14.70
CA GLY A 360 -31.13 2.22 13.41
C GLY A 360 -32.47 2.85 13.11
N ARG A 361 -32.51 4.19 13.15
CA ARG A 361 -33.76 4.90 12.91
C ARG A 361 -33.81 5.52 11.52
N VAL A 362 -35.03 5.86 11.07
CA VAL A 362 -35.23 6.58 9.82
C VAL A 362 -34.77 8.02 10.11
N PRO A 363 -34.07 8.68 9.17
CA PRO A 363 -33.59 10.03 9.42
C PRO A 363 -34.43 10.97 10.28
N PHE A 364 -33.88 11.17 11.48
CA PHE A 364 -34.19 12.12 12.53
C PHE A 364 -35.55 11.89 13.14
N ALA A 365 -35.84 10.62 13.40
CA ALA A 365 -37.09 10.22 14.03
C ALA A 365 -36.86 10.07 15.53
N VAL A 366 -37.44 10.98 16.31
CA VAL A 366 -37.35 10.96 17.76
C VAL A 366 -38.70 10.60 18.38
N PRO A 367 -38.74 10.16 19.65
CA PRO A 367 -40.04 9.86 20.27
C PRO A 367 -40.78 11.14 20.64
N ASP A 368 -42.12 11.13 20.55
CA ASP A 368 -42.91 12.29 20.94
C ASP A 368 -42.92 12.36 22.46
N LYS A 369 -43.11 11.24 23.14
CA LYS A 369 -43.11 11.21 24.60
C LYS A 369 -41.89 10.50 25.16
N VAL A 370 -41.46 10.92 26.34
CA VAL A 370 -40.31 10.36 27.04
C VAL A 370 -40.64 10.30 28.56
N LEU A 371 -39.95 9.43 29.33
CA LEU A 371 -40.21 9.35 30.78
C LEU A 371 -39.39 10.40 31.54
N TRP A 372 -39.92 10.94 32.63
CA TRP A 372 -39.22 11.97 33.41
C TRP A 372 -37.74 11.61 33.76
N PRO A 373 -37.38 10.39 34.27
CA PRO A 373 -35.97 10.10 34.55
C PRO A 373 -35.07 10.12 33.31
N GLN A 374 -35.65 9.94 32.12
CA GLN A 374 -34.89 9.99 30.88
C GLN A 374 -34.56 11.45 30.59
N LEU A 375 -35.53 12.35 30.75
CA LEU A 375 -35.32 13.79 30.55
C LEU A 375 -34.36 14.35 31.62
N CYS A 376 -34.38 13.77 32.84
CA CYS A 376 -33.50 14.16 33.93
C CYS A 376 -32.05 13.92 33.55
N GLU A 377 -31.75 12.75 32.91
CA GLU A 377 -30.38 12.39 32.51
C GLU A 377 -29.82 13.35 31.49
N ALA A 378 -30.67 13.79 30.55
CA ALA A 378 -30.29 14.71 29.50
C ALA A 378 -30.07 16.11 30.03
N LEU A 379 -31.00 16.60 30.88
CA LEU A 379 -30.91 17.94 31.47
C LEU A 379 -29.67 18.04 32.37
N ASN A 380 -29.42 17.03 33.21
CA ASN A 380 -28.26 17.02 34.09
C ASN A 380 -26.95 17.03 33.30
N MET A 381 -26.91 16.25 32.21
CA MET A 381 -25.74 16.12 31.33
C MET A 381 -25.42 17.44 30.68
N LYS A 382 -26.44 18.15 30.13
CA LYS A 382 -26.26 19.44 29.49
C LYS A 382 -25.85 20.49 30.51
N PHE A 383 -26.52 20.49 31.68
CA PHE A 383 -26.26 21.43 32.77
C PHE A 383 -24.78 21.46 33.20
N LYS A 384 -24.21 20.30 33.61
CA LYS A 384 -22.81 20.22 34.01
C LYS A 384 -21.85 20.71 32.92
N ALA A 385 -22.23 20.53 31.65
CA ALA A 385 -21.38 20.94 30.54
C ALA A 385 -21.45 22.41 30.24
N GLU A 386 -22.60 23.04 30.50
CA GLU A 386 -22.76 24.47 30.23
C GLU A 386 -22.16 25.29 31.35
N VAL A 387 -22.43 24.93 32.60
CA VAL A 387 -21.89 25.64 33.75
C VAL A 387 -20.42 25.19 34.09
N GLN A 388 -19.89 24.17 33.36
CA GLN A 388 -18.54 23.61 33.47
C GLN A 388 -18.22 23.20 34.88
N SER A 389 -19.18 22.56 35.54
CA SER A 389 -19.01 22.17 36.92
C SER A 389 -19.26 20.70 37.16
N ASN A 390 -18.58 20.13 38.16
CA ASN A 390 -18.87 18.78 38.60
C ASN A 390 -20.15 18.76 39.48
N ARG A 391 -20.55 19.92 40.02
CA ARG A 391 -21.78 20.10 40.78
C ARG A 391 -22.91 20.15 39.77
N GLY A 392 -23.60 19.02 39.62
CA GLY A 392 -24.72 18.95 38.70
C GLY A 392 -26.02 19.16 39.44
N LEU A 393 -27.07 18.50 38.99
CA LEU A 393 -28.37 18.59 39.64
C LEU A 393 -28.51 17.46 40.67
N THR A 394 -28.65 17.81 41.93
CA THR A 394 -28.83 16.86 43.03
C THR A 394 -30.25 16.25 42.99
N LYS A 395 -30.58 15.29 43.89
CA LYS A 395 -31.92 14.71 43.91
C LYS A 395 -32.94 15.81 44.27
N GLU A 396 -32.56 16.78 45.12
CA GLU A 396 -33.41 17.91 45.49
C GLU A 396 -33.64 18.81 44.28
N ASN A 397 -32.56 19.14 43.52
CA ASN A 397 -32.67 19.99 42.34
C ASN A 397 -33.63 19.36 41.31
N LEU A 398 -33.56 18.03 41.12
CA LEU A 398 -34.42 17.35 40.16
C LEU A 398 -35.87 17.36 40.56
N VAL A 399 -36.14 17.23 41.87
CA VAL A 399 -37.49 17.29 42.45
C VAL A 399 -38.09 18.68 42.22
N PHE A 400 -37.28 19.75 42.38
CA PHE A 400 -37.74 21.11 42.13
C PHE A 400 -38.19 21.27 40.66
N LEU A 401 -37.41 20.72 39.72
CA LEU A 401 -37.73 20.79 38.30
C LEU A 401 -38.98 19.99 37.97
N ALA A 402 -39.19 18.85 38.62
CA ALA A 402 -40.39 18.04 38.41
C ALA A 402 -41.61 18.78 38.95
N GLN A 403 -41.48 19.41 40.12
CA GLN A 403 -42.54 20.20 40.76
C GLN A 403 -42.98 21.31 39.80
N LYS A 404 -42.00 22.00 39.19
CA LYS A 404 -42.21 23.10 38.25
C LYS A 404 -42.87 22.62 36.95
N LEU A 405 -42.31 21.56 36.34
CA LEU A 405 -42.81 21.01 35.09
C LEU A 405 -44.23 20.41 35.19
N PHE A 406 -44.45 19.46 36.12
CA PHE A 406 -45.74 18.79 36.25
C PHE A 406 -46.77 19.55 37.05
N ASN A 407 -46.38 20.65 37.71
CA ASN A 407 -47.27 21.42 38.58
C ASN A 407 -47.82 20.51 39.70
N ASN A 408 -46.91 19.92 40.47
CA ASN A 408 -47.22 19.04 41.59
C ASN A 408 -46.40 19.46 42.82
N SER A 409 -46.94 19.25 44.01
CA SER A 409 -46.26 19.62 45.24
C SER A 409 -45.51 18.45 45.91
N SER A 410 -45.27 17.35 45.18
CA SER A 410 -44.60 16.17 45.74
C SER A 410 -43.11 16.39 45.92
N SER A 411 -42.55 15.99 47.07
CA SER A 411 -41.13 16.16 47.32
C SER A 411 -40.33 14.86 47.25
N HIS A 412 -40.85 13.84 46.58
CA HIS A 412 -40.15 12.57 46.42
C HIS A 412 -39.97 12.26 44.94
N LEU A 413 -38.72 12.13 44.48
CA LEU A 413 -38.43 11.88 43.08
C LEU A 413 -39.06 10.60 42.54
N GLU A 414 -39.16 9.56 43.38
CA GLU A 414 -39.71 8.25 43.02
C GLU A 414 -41.14 8.35 42.46
N ASP A 415 -41.91 9.35 42.95
CA ASP A 415 -43.30 9.59 42.55
C ASP A 415 -43.43 10.05 41.09
N TYR A 416 -42.40 10.71 40.56
CA TYR A 416 -42.40 11.21 39.18
C TYR A 416 -41.77 10.25 38.19
N SER A 417 -41.46 8.99 38.58
CA SER A 417 -40.79 8.01 37.72
C SER A 417 -41.55 7.62 36.46
N GLY A 418 -42.84 7.35 36.59
CA GLY A 418 -43.67 6.90 35.48
C GLY A 418 -44.41 7.98 34.72
N LEU A 419 -44.15 9.24 35.03
CA LEU A 419 -44.80 10.35 34.31
C LEU A 419 -44.11 10.59 32.96
N SER A 420 -44.87 11.04 31.97
CA SER A 420 -44.34 11.28 30.64
C SER A 420 -44.26 12.75 30.32
N VAL A 421 -43.29 13.11 29.50
CA VAL A 421 -43.12 14.48 29.04
C VAL A 421 -43.10 14.41 27.52
N SER A 422 -44.07 15.05 26.88
CA SER A 422 -44.10 15.11 25.42
C SER A 422 -43.19 16.26 24.95
N TRP A 423 -42.81 16.28 23.66
CA TRP A 423 -42.00 17.37 23.14
C TRP A 423 -42.69 18.75 23.32
N SER A 424 -44.02 18.82 23.11
CA SER A 424 -44.75 20.09 23.28
C SER A 424 -44.78 20.52 24.74
N GLN A 425 -44.92 19.55 25.66
CA GLN A 425 -44.87 19.84 27.10
C GLN A 425 -43.49 20.43 27.52
N PHE A 426 -42.43 20.08 26.78
CA PHE A 426 -41.06 20.51 27.00
C PHE A 426 -40.73 21.85 26.33
N ASN A 427 -41.09 22.06 25.05
CA ASN A 427 -40.75 23.31 24.36
C ASN A 427 -41.76 23.81 23.32
N ARG A 428 -43.06 23.76 23.63
CA ARG A 428 -44.11 24.28 22.75
C ARG A 428 -45.21 24.91 23.61
N GLU A 429 -45.85 24.13 24.49
CA GLU A 429 -46.86 24.67 25.40
C GLU A 429 -46.15 25.42 26.54
N ASN A 430 -46.72 26.56 26.94
CA ASN A 430 -46.14 27.34 28.02
C ASN A 430 -46.56 26.71 29.36
N LEU A 431 -45.79 26.96 30.42
CA LEU A 431 -46.12 26.42 31.73
C LEU A 431 -47.48 26.93 32.22
N PRO A 432 -48.24 26.06 32.93
CA PRO A 432 -49.58 26.42 33.42
C PRO A 432 -49.94 27.91 33.61
N GLY A 433 -49.17 28.68 34.39
CA GLY A 433 -49.49 30.08 34.60
C GLY A 433 -48.39 31.04 34.18
N TRP A 434 -47.63 30.69 33.12
CA TRP A 434 -46.50 31.51 32.67
C TRP A 434 -46.45 31.84 31.16
N ASN A 435 -45.57 32.80 30.79
CA ASN A 435 -45.34 33.21 29.41
C ASN A 435 -44.11 32.53 28.81
N TYR A 436 -43.71 31.35 29.33
CA TYR A 436 -42.52 30.63 28.86
C TYR A 436 -42.70 29.11 28.96
N THR A 437 -41.85 28.36 28.24
CA THR A 437 -41.89 26.89 28.29
C THR A 437 -40.91 26.38 29.37
N PHE A 438 -40.99 25.08 29.74
CA PHE A 438 -40.04 24.52 30.72
C PHE A 438 -38.58 24.69 30.26
N TRP A 439 -38.30 24.35 29.00
CA TRP A 439 -36.97 24.53 28.45
C TRP A 439 -36.52 25.99 28.47
N GLN A 440 -37.41 26.94 28.11
CA GLN A 440 -37.06 28.35 28.14
C GLN A 440 -36.61 28.83 29.51
N TRP A 441 -37.20 28.26 30.57
CA TRP A 441 -36.82 28.58 31.94
C TRP A 441 -35.49 27.92 32.31
N PHE A 442 -35.34 26.61 32.05
CA PHE A 442 -34.14 25.86 32.40
C PHE A 442 -32.92 26.37 31.66
N ASP A 443 -33.05 26.63 30.35
CA ASP A 443 -31.99 27.16 29.51
C ASP A 443 -31.57 28.58 29.93
N GLY A 444 -32.53 29.37 30.42
CA GLY A 444 -32.30 30.73 30.91
C GLY A 444 -31.50 30.74 32.18
N VAL A 445 -31.70 29.72 33.04
CA VAL A 445 -30.96 29.48 34.28
C VAL A 445 -29.51 29.14 33.89
N MET A 446 -29.32 28.24 32.90
CA MET A 446 -27.99 27.85 32.42
C MET A 446 -27.28 29.04 31.77
N GLU A 447 -28.02 29.90 31.08
CA GLU A 447 -27.47 31.05 30.39
C GLU A 447 -26.92 32.10 31.36
N VAL A 448 -27.62 32.37 32.48
CA VAL A 448 -27.13 33.35 33.45
C VAL A 448 -25.98 32.78 34.28
N LEU A 449 -26.06 31.47 34.61
CA LEU A 449 -25.00 30.81 35.35
C LEU A 449 -23.72 30.77 34.51
N LYS A 450 -23.81 30.33 33.24
CA LYS A 450 -22.65 30.23 32.34
C LYS A 450 -22.04 31.60 31.97
N LYS A 451 -22.87 32.62 31.69
CA LYS A 451 -22.36 33.92 31.29
C LYS A 451 -21.54 34.64 32.34
N HIS A 452 -21.92 34.55 33.63
CA HIS A 452 -21.17 35.29 34.66
C HIS A 452 -20.84 34.54 35.94
N HIS A 453 -21.70 33.58 36.32
CA HIS A 453 -21.58 32.94 37.61
C HIS A 453 -21.03 31.52 37.61
N LYS A 454 -20.12 31.20 36.67
CA LYS A 454 -19.50 29.87 36.65
C LYS A 454 -18.74 29.57 37.96
N PRO A 455 -17.92 30.50 38.52
CA PRO A 455 -17.23 30.18 39.78
C PRO A 455 -18.19 30.14 40.97
N HIS A 456 -19.17 31.05 41.00
CA HIS A 456 -20.12 31.09 42.12
C HIS A 456 -20.98 29.82 42.17
N TRP A 457 -21.28 29.22 41.01
CA TRP A 457 -22.08 27.98 41.01
C TRP A 457 -21.23 26.84 41.57
N ASN A 458 -19.98 26.75 41.14
CA ASN A 458 -19.09 25.70 41.59
C ASN A 458 -18.78 25.81 43.08
N ASP A 459 -18.75 27.04 43.63
CA ASP A 459 -18.46 27.26 45.06
C ASP A 459 -19.63 26.96 46.02
N GLY A 460 -20.81 26.65 45.49
CA GLY A 460 -21.98 26.40 46.31
C GLY A 460 -22.69 27.66 46.77
N ALA A 461 -22.29 28.83 46.23
CA ALA A 461 -22.84 30.14 46.60
C ALA A 461 -24.27 30.39 46.11
N ILE A 462 -24.71 29.65 45.10
CA ILE A 462 -26.04 29.81 44.54
C ILE A 462 -26.85 28.54 44.77
N LEU A 463 -27.80 28.57 45.71
CA LEU A 463 -28.66 27.41 45.98
C LEU A 463 -29.51 27.14 44.73
N GLY A 464 -30.07 28.19 44.16
CA GLY A 464 -30.84 28.12 42.94
C GLY A 464 -32.18 27.44 42.95
N PHE A 465 -32.17 26.12 42.82
CA PHE A 465 -33.40 25.33 42.67
C PHE A 465 -34.16 25.12 43.98
N VAL A 466 -34.84 26.18 44.39
CA VAL A 466 -35.65 26.31 45.58
C VAL A 466 -36.74 27.36 45.24
N ASN A 467 -38.01 27.14 45.64
CA ASN A 467 -39.06 28.11 45.30
C ASN A 467 -39.23 29.20 46.40
N LYS A 468 -40.08 30.21 46.16
CA LYS A 468 -40.28 31.30 47.11
C LYS A 468 -40.71 30.80 48.48
N GLN A 469 -41.62 29.82 48.53
CA GLN A 469 -42.09 29.26 49.81
C GLN A 469 -41.04 28.34 50.46
N GLN A 470 -40.30 27.57 49.67
CA GLN A 470 -39.24 26.70 50.17
C GLN A 470 -38.15 27.55 50.83
N ALA A 471 -37.76 28.67 50.20
CA ALA A 471 -36.74 29.58 50.71
C ALA A 471 -37.22 30.36 51.94
N HIS A 472 -38.53 30.55 52.08
CA HIS A 472 -39.12 31.20 53.24
C HIS A 472 -38.89 30.28 54.45
N ASP A 473 -39.17 28.98 54.29
CA ASP A 473 -39.04 27.99 55.36
C ASP A 473 -37.59 27.59 55.68
N LEU A 474 -36.65 27.87 54.77
CA LEU A 474 -35.24 27.61 55.03
C LEU A 474 -34.66 28.70 55.95
N LEU A 475 -35.10 29.95 55.76
CA LEU A 475 -34.58 31.11 56.47
C LEU A 475 -35.36 31.54 57.72
N ILE A 476 -36.64 31.13 57.89
CA ILE A 476 -37.49 31.53 59.03
C ILE A 476 -36.79 31.59 60.38
N ASN A 477 -36.08 30.51 60.76
CA ASN A 477 -35.46 30.47 62.09
C ASN A 477 -33.93 30.64 62.10
N LYS A 478 -33.40 31.24 61.03
CA LYS A 478 -31.98 31.54 60.91
C LYS A 478 -31.70 32.95 61.49
N PRO A 479 -30.42 33.29 61.77
CA PRO A 479 -30.11 34.64 62.27
C PRO A 479 -30.43 35.71 61.23
N ASP A 480 -30.63 36.96 61.67
CA ASP A 480 -30.88 38.08 60.77
C ASP A 480 -29.69 38.26 59.83
N GLY A 481 -29.96 38.56 58.57
CA GLY A 481 -28.90 38.70 57.59
C GLY A 481 -28.62 37.44 56.79
N THR A 482 -29.26 36.31 57.15
CA THR A 482 -29.07 35.07 56.39
C THR A 482 -29.81 35.22 55.07
N PHE A 483 -29.14 34.88 53.96
CA PHE A 483 -29.72 35.01 52.65
C PHE A 483 -29.34 33.86 51.73
N LEU A 484 -30.04 33.72 50.61
CA LEU A 484 -29.71 32.71 49.61
C LEU A 484 -30.04 33.21 48.21
N LEU A 485 -29.24 32.79 47.23
CA LEU A 485 -29.48 33.18 45.84
C LEU A 485 -30.37 32.11 45.22
N ARG A 486 -31.42 32.56 44.53
CA ARG A 486 -32.46 31.71 43.98
C ARG A 486 -32.77 32.06 42.51
N PHE A 487 -33.39 31.13 41.74
CA PHE A 487 -33.78 31.45 40.36
C PHE A 487 -35.21 32.04 40.34
N SER A 488 -35.34 33.19 39.71
CA SER A 488 -36.62 33.88 39.58
C SER A 488 -37.59 33.07 38.73
N ASP A 489 -38.84 32.98 39.17
CA ASP A 489 -39.89 32.28 38.45
C ASP A 489 -40.54 33.17 37.39
N SER A 490 -40.64 34.48 37.66
CA SER A 490 -41.27 35.42 36.74
C SER A 490 -40.34 35.93 35.68
N GLU A 491 -39.06 36.06 36.01
CA GLU A 491 -38.09 36.61 35.07
C GLU A 491 -37.09 35.58 34.57
N ILE A 492 -37.16 35.24 33.27
CA ILE A 492 -36.28 34.29 32.60
C ILE A 492 -34.83 34.72 32.75
N GLY A 493 -34.00 33.84 33.28
CA GLY A 493 -32.60 34.14 33.49
C GLY A 493 -32.36 35.14 34.60
N GLY A 494 -33.19 35.09 35.63
CA GLY A 494 -33.09 36.03 36.75
C GLY A 494 -32.68 35.40 38.08
N ILE A 495 -31.87 36.12 38.85
CA ILE A 495 -31.45 35.67 40.16
C ILE A 495 -32.01 36.61 41.24
N THR A 496 -32.74 36.04 42.21
CA THR A 496 -33.40 36.73 43.31
C THR A 496 -32.75 36.39 44.62
N ILE A 497 -32.48 37.39 45.46
CA ILE A 497 -31.96 37.13 46.79
C ILE A 497 -33.14 36.97 47.76
N ALA A 498 -33.15 35.91 48.55
CA ALA A 498 -34.18 35.71 49.55
C ALA A 498 -33.47 35.85 50.89
N TRP A 499 -33.93 36.75 51.77
CA TRP A 499 -33.24 36.94 53.03
C TRP A 499 -34.19 37.07 54.24
N LYS A 500 -33.67 36.81 55.42
CA LYS A 500 -34.43 36.90 56.64
C LYS A 500 -33.92 38.10 57.41
N PHE A 501 -34.83 38.97 57.83
CA PHE A 501 -34.48 40.11 58.65
C PHE A 501 -35.71 40.61 59.35
N ASP A 502 -35.83 40.29 60.66
CA ASP A 502 -36.95 40.69 61.51
C ASP A 502 -37.19 42.18 61.44
N SER A 503 -38.38 42.57 61.03
CA SER A 503 -38.76 43.95 60.88
C SER A 503 -40.24 44.10 61.30
N PRO A 504 -40.73 45.34 61.55
CA PRO A 504 -42.12 45.49 62.00
C PRO A 504 -43.16 45.05 60.96
N GLU A 505 -42.86 45.19 59.65
CA GLU A 505 -43.81 44.77 58.62
C GLU A 505 -43.60 43.28 58.24
N ARG A 506 -42.45 42.91 57.65
CA ARG A 506 -42.18 41.51 57.33
C ARG A 506 -40.83 41.02 57.85
N ASN A 507 -40.72 39.72 58.11
CA ASN A 507 -39.50 39.11 58.60
C ASN A 507 -38.78 38.31 57.48
N LEU A 508 -39.52 37.88 56.45
CA LEU A 508 -38.98 37.12 55.33
C LEU A 508 -39.19 37.92 54.06
N TRP A 509 -38.09 38.19 53.34
CA TRP A 509 -38.14 39.02 52.16
C TRP A 509 -37.64 38.34 50.86
N ASN A 510 -37.85 39.01 49.70
CA ASN A 510 -37.45 38.60 48.37
C ASN A 510 -37.09 39.85 47.58
N LEU A 511 -35.82 40.03 47.28
CA LEU A 511 -35.33 41.18 46.53
C LEU A 511 -35.72 41.09 45.04
N LYS A 512 -35.83 42.23 44.34
CA LYS A 512 -36.19 42.28 42.91
C LYS A 512 -35.12 41.58 42.08
N PRO A 513 -35.51 40.71 41.12
CA PRO A 513 -34.50 39.91 40.39
C PRO A 513 -33.50 40.65 39.52
N PHE A 514 -32.32 40.05 39.33
CA PHE A 514 -31.30 40.63 38.46
C PHE A 514 -31.13 39.73 37.24
N THR A 515 -30.95 40.33 36.07
CA THR A 515 -30.71 39.57 34.85
C THR A 515 -29.28 39.87 34.33
N THR A 516 -28.85 39.22 33.25
CA THR A 516 -27.51 39.46 32.70
C THR A 516 -27.19 40.94 32.45
N ARG A 517 -28.20 41.76 32.08
CA ARG A 517 -27.97 43.18 31.83
C ARG A 517 -27.49 43.87 33.10
N ASP A 518 -28.11 43.53 34.23
CA ASP A 518 -27.79 44.07 35.54
C ASP A 518 -26.40 43.62 35.94
N PHE A 519 -26.07 42.34 35.71
CA PHE A 519 -24.77 41.76 36.02
C PHE A 519 -23.63 42.33 35.16
N SER A 520 -23.97 42.86 33.97
CA SER A 520 -23.00 43.50 33.08
C SER A 520 -22.60 44.88 33.65
N ILE A 521 -23.54 45.59 34.28
CA ILE A 521 -23.29 46.89 34.91
C ILE A 521 -22.51 46.71 36.23
N ARG A 522 -22.93 45.76 37.08
CA ARG A 522 -22.29 45.47 38.36
C ARG A 522 -22.35 43.98 38.61
N SER A 523 -21.21 43.36 38.91
CA SER A 523 -21.18 41.93 39.18
C SER A 523 -22.03 41.52 40.39
N LEU A 524 -22.46 40.25 40.44
CA LEU A 524 -23.26 39.72 41.54
C LEU A 524 -22.56 39.92 42.87
N ALA A 525 -21.25 39.66 42.94
CA ALA A 525 -20.50 39.84 44.18
C ALA A 525 -20.51 41.30 44.61
N ASP A 526 -20.25 42.23 43.68
CA ASP A 526 -20.24 43.66 43.96
C ASP A 526 -21.58 44.16 44.46
N ARG A 527 -22.67 43.61 43.91
CA ARG A 527 -24.02 43.95 44.30
C ARG A 527 -24.33 43.48 45.72
N LEU A 528 -23.94 42.24 46.03
CA LEU A 528 -24.13 41.63 47.34
C LEU A 528 -23.32 42.35 48.41
N GLY A 529 -22.08 42.70 48.09
CA GLY A 529 -21.18 43.40 48.99
C GLY A 529 -21.68 44.77 49.43
N ASP A 530 -22.56 45.39 48.63
CA ASP A 530 -23.15 46.70 48.95
C ASP A 530 -24.26 46.57 49.98
N LEU A 531 -25.07 45.53 49.87
CA LEU A 531 -26.20 45.34 50.74
C LEU A 531 -25.72 44.82 52.11
N SER A 532 -25.76 45.69 53.14
CA SER A 532 -25.30 45.39 54.50
C SER A 532 -26.24 44.47 55.28
N TYR A 533 -27.52 44.40 54.88
CA TYR A 533 -28.48 43.50 55.50
C TYR A 533 -28.31 42.04 55.06
N LEU A 534 -27.34 41.76 54.16
CA LEU A 534 -26.98 40.43 53.70
C LEU A 534 -25.67 40.18 54.42
N ILE A 535 -25.71 39.31 55.43
CA ILE A 535 -24.61 39.03 56.34
C ILE A 535 -24.06 37.60 56.19
N TYR A 536 -24.95 36.59 56.17
CA TYR A 536 -24.50 35.21 56.04
C TYR A 536 -25.17 34.49 54.88
N VAL A 537 -24.38 33.88 54.01
CA VAL A 537 -24.93 33.08 52.93
C VAL A 537 -25.36 31.73 53.55
N PHE A 538 -26.59 31.32 53.26
CA PHE A 538 -27.22 30.10 53.76
C PHE A 538 -26.30 28.88 53.66
N PRO A 539 -26.15 28.12 54.75
CA PRO A 539 -26.84 28.26 56.04
C PRO A 539 -26.15 29.15 57.09
N ASP A 540 -24.83 29.34 57.02
CA ASP A 540 -24.13 30.14 58.04
C ASP A 540 -22.75 30.68 57.64
N ARG A 541 -22.37 30.58 56.36
CA ARG A 541 -21.06 31.03 55.89
C ARG A 541 -21.03 32.55 55.78
N PRO A 542 -20.06 33.25 56.40
CA PRO A 542 -20.03 34.73 56.30
C PRO A 542 -19.90 35.21 54.84
N LYS A 543 -20.60 36.29 54.49
CA LYS A 543 -20.62 36.82 53.13
C LYS A 543 -19.23 37.04 52.50
N ASP A 544 -18.31 37.72 53.20
CA ASP A 544 -16.98 37.99 52.64
C ASP A 544 -16.16 36.73 52.38
N GLU A 545 -16.35 35.66 53.18
CA GLU A 545 -15.63 34.40 52.93
C GLU A 545 -16.05 33.82 51.57
N VAL A 546 -17.34 33.94 51.24
CA VAL A 546 -17.89 33.43 49.99
C VAL A 546 -17.65 34.35 48.79
N PHE A 547 -17.79 35.67 48.94
CA PHE A 547 -17.70 36.58 47.79
C PHE A 547 -16.55 37.57 47.74
N SER A 548 -15.76 37.75 48.80
CA SER A 548 -14.71 38.77 48.80
C SER A 548 -13.66 38.59 47.73
N LYS A 549 -13.33 37.35 47.35
CA LYS A 549 -12.36 37.12 46.28
C LYS A 549 -12.84 37.73 44.94
N TYR A 550 -14.17 37.89 44.78
CA TYR A 550 -14.83 38.42 43.58
C TYR A 550 -15.21 39.90 43.64
N TYR A 551 -14.92 40.61 44.75
CA TYR A 551 -15.23 42.06 44.81
C TYR A 551 -14.21 42.80 43.94
N THR A 552 -14.64 43.85 43.24
CA THR A 552 -13.73 44.65 42.42
C THR A 552 -12.90 45.60 43.27
N PRO A 553 -11.56 45.56 43.16
CA PRO A 553 -10.74 46.54 43.89
C PRO A 553 -10.79 47.88 43.14
N VAL A 554 -11.04 48.99 43.85
CA VAL A 554 -11.19 50.28 43.19
C VAL A 554 -9.85 50.83 42.63
N LEU A 555 -9.68 50.72 41.30
CA LEU A 555 -8.47 51.15 40.61
C LEU A 555 -8.51 52.66 40.31
N ALA A 556 -7.43 53.38 40.62
CA ALA A 556 -7.32 54.82 40.34
C ALA A 556 -7.12 55.06 38.83
N LYS A 557 -7.40 56.30 38.37
CA LYS A 557 -7.28 56.60 36.94
C LYS A 557 -6.10 57.50 36.59
N ALA A 558 -5.64 57.44 35.33
CA ALA A 558 -4.55 58.29 34.85
C ALA A 558 -5.01 59.74 34.68
N VAL A 559 -6.28 59.94 34.30
CA VAL A 559 -6.91 61.24 34.12
C VAL A 559 -6.95 62.01 35.47
N ASP A 560 -7.09 61.30 36.58
CA ASP A 560 -7.09 61.89 37.92
C ASP A 560 -5.66 62.31 38.39
N GLY A 561 -4.62 61.80 37.74
CA GLY A 561 -3.23 62.12 38.04
C GLY A 561 -2.46 61.02 38.77
N TYR A 562 -2.52 59.77 38.27
CA TYR A 562 -1.83 58.63 38.89
C TYR A 562 -0.92 57.94 37.86
N VAL A 563 0.40 58.11 38.00
CA VAL A 563 1.39 57.57 37.05
C VAL A 563 1.57 56.04 37.14
N LYS A 564 1.53 55.46 38.34
CA LYS A 564 1.66 54.02 38.53
C LYS A 564 0.33 53.45 39.03
N PRO A 565 -0.03 52.22 38.63
CA PRO A 565 -1.31 51.63 39.07
C PRO A 565 -1.52 51.61 40.59
N GLN A 566 -2.70 52.07 41.04
CA GLN A 566 -3.00 52.13 42.46
C GLN A 566 -4.42 51.69 42.79
N ILE A 567 -4.65 51.16 44.00
CA ILE A 567 -5.98 50.74 44.42
C ILE A 567 -6.48 51.65 45.55
N SER B 6 30.88 3.15 -1.23
CA SER B 6 31.26 3.58 -2.58
C SER B 6 30.84 5.03 -2.84
N GLN B 7 31.65 5.79 -3.60
CA GLN B 7 31.34 7.19 -3.91
C GLN B 7 30.08 7.31 -4.79
N LYS B 8 29.91 6.38 -5.75
CA LYS B 8 28.72 6.40 -6.59
C LYS B 8 27.48 6.11 -5.73
N HIS B 9 27.58 5.14 -4.82
CA HIS B 9 26.49 4.77 -3.91
C HIS B 9 26.22 5.83 -2.82
N LEU B 10 27.18 6.72 -2.56
CA LEU B 10 27.00 7.78 -1.57
C LEU B 10 26.21 8.93 -2.21
N GLN B 11 26.54 9.28 -3.46
CA GLN B 11 25.87 10.35 -4.22
C GLN B 11 24.42 10.00 -4.56
N ILE B 12 24.07 8.71 -4.60
CA ILE B 12 22.71 8.29 -4.89
C ILE B 12 21.84 8.46 -3.64
N ASN B 13 22.34 8.01 -2.50
CA ASN B 13 21.61 8.14 -1.24
C ASN B 13 21.50 9.60 -0.80
N GLN B 14 22.51 10.43 -1.09
CA GLN B 14 22.49 11.86 -0.78
C GLN B 14 21.45 12.56 -1.64
N THR B 15 21.34 12.16 -2.91
CA THR B 15 20.35 12.74 -3.83
C THR B 15 18.95 12.31 -3.44
N PHE B 16 18.77 11.06 -2.97
CA PHE B 16 17.47 10.60 -2.49
C PHE B 16 17.03 11.39 -1.25
N GLU B 17 18.00 11.76 -0.40
CA GLU B 17 17.79 12.57 0.79
C GLU B 17 17.39 14.01 0.40
N GLU B 18 18.01 14.55 -0.65
CA GLU B 18 17.71 15.88 -1.16
C GLU B 18 16.29 15.89 -1.73
N LEU B 19 15.96 14.90 -2.58
CA LEU B 19 14.65 14.72 -3.21
C LEU B 19 13.53 14.56 -2.18
N ARG B 20 13.84 13.96 -1.02
CA ARG B 20 12.86 13.76 0.04
C ARG B 20 12.52 15.08 0.74
N LEU B 21 13.53 15.92 0.93
CA LEU B 21 13.35 17.21 1.58
C LEU B 21 12.64 18.20 0.68
N VAL B 22 12.98 18.19 -0.62
CA VAL B 22 12.33 19.10 -1.57
C VAL B 22 10.88 18.66 -1.88
N THR B 23 10.56 17.37 -1.73
CA THR B 23 9.20 16.88 -1.88
C THR B 23 8.37 17.26 -0.65
N GLN B 24 9.01 17.32 0.53
CA GLN B 24 8.38 17.74 1.77
C GLN B 24 8.13 19.26 1.73
N ASP B 25 9.06 20.04 1.14
CA ASP B 25 8.89 21.48 1.04
CA ASP B 25 8.90 21.49 1.04
C ASP B 25 7.65 21.82 0.22
N THR B 26 7.44 21.13 -0.91
CA THR B 26 6.26 21.39 -1.74
C THR B 26 4.98 20.94 -1.06
N GLU B 27 5.04 19.88 -0.24
CA GLU B 27 3.89 19.41 0.52
C GLU B 27 3.50 20.48 1.53
N ASN B 28 4.50 21.07 2.22
CA ASN B 28 4.31 22.14 3.18
C ASN B 28 3.67 23.37 2.48
N GLU B 29 4.22 23.80 1.33
CA GLU B 29 3.71 24.93 0.55
C GLU B 29 2.34 24.70 -0.06
N LEU B 30 2.00 23.46 -0.41
CA LEU B 30 0.68 23.13 -0.96
C LEU B 30 -0.39 23.24 0.14
N LYS B 31 -0.04 22.93 1.40
CA LYS B 31 -0.98 23.06 2.51
C LYS B 31 -1.23 24.53 2.84
N LYS B 32 -0.19 25.37 2.73
CA LYS B 32 -0.27 26.82 2.94
C LYS B 32 -1.19 27.42 1.86
N LEU B 33 -0.99 27.02 0.60
CA LEU B 33 -1.76 27.48 -0.55
C LEU B 33 -3.24 27.12 -0.42
N GLN B 34 -3.55 25.92 0.09
CA GLN B 34 -4.92 25.48 0.29
C GLN B 34 -5.62 26.34 1.36
N GLN B 35 -4.89 26.72 2.41
CA GLN B 35 -5.45 27.56 3.45
C GLN B 35 -5.60 29.02 2.95
N THR B 36 -4.68 29.49 2.10
CA THR B 36 -4.73 30.83 1.54
C THR B 36 -5.96 30.98 0.65
N GLN B 37 -6.24 29.98 -0.17
CA GLN B 37 -7.39 30.00 -1.07
C GLN B 37 -8.70 29.88 -0.27
N GLU B 38 -8.71 29.05 0.78
CA GLU B 38 -9.91 28.87 1.61
C GLU B 38 -10.25 30.11 2.44
N TYR B 39 -9.23 30.81 2.98
CA TYR B 39 -9.49 32.05 3.72
C TYR B 39 -9.97 33.17 2.75
N PHE B 40 -9.47 33.16 1.50
CA PHE B 40 -9.85 34.09 0.44
C PHE B 40 -11.30 33.88 0.03
N ILE B 41 -11.75 32.63 0.01
CA ILE B 41 -13.14 32.31 -0.35
C ILE B 41 -14.10 32.80 0.73
N ILE B 42 -13.69 32.74 2.01
CA ILE B 42 -14.48 33.24 3.13
C ILE B 42 -14.52 34.77 3.10
N GLN B 43 -13.38 35.42 2.82
CA GLN B 43 -13.33 36.87 2.72
C GLN B 43 -14.14 37.43 1.56
N TYR B 44 -14.27 36.66 0.47
CA TYR B 44 -15.10 37.08 -0.65
C TYR B 44 -16.58 37.05 -0.23
N GLN B 45 -17.00 36.05 0.57
CA GLN B 45 -18.37 35.99 1.08
C GLN B 45 -18.66 37.17 2.03
N GLU B 46 -17.64 37.65 2.77
CA GLU B 46 -17.80 38.82 3.63
C GLU B 46 -18.08 40.10 2.82
N SER B 47 -17.67 40.14 1.53
CA SER B 47 -17.93 41.23 0.61
C SER B 47 -19.39 41.23 0.20
N LEU B 48 -19.97 40.04 -0.01
CA LEU B 48 -21.38 39.92 -0.34
C LEU B 48 -22.22 40.37 0.86
N ARG B 49 -21.82 40.01 2.09
CA ARG B 49 -22.50 40.41 3.32
C ARG B 49 -22.54 41.93 3.49
N ILE B 50 -21.50 42.63 3.01
CA ILE B 50 -21.40 44.09 3.04
C ILE B 50 -22.55 44.68 2.23
N GLN B 51 -22.81 44.12 1.03
CA GLN B 51 -23.89 44.58 0.16
C GLN B 51 -25.26 44.35 0.79
N ALA B 52 -25.42 43.23 1.52
CA ALA B 52 -26.64 42.90 2.24
C ALA B 52 -26.90 43.90 3.38
N GLN B 53 -25.83 44.37 4.03
CA GLN B 53 -25.94 45.37 5.10
C GLN B 53 -26.29 46.75 4.54
N PHE B 54 -25.88 47.06 3.29
CA PHE B 54 -26.20 48.31 2.62
C PHE B 54 -27.69 48.37 2.25
N ALA B 55 -28.29 47.21 1.92
CA ALA B 55 -29.71 47.11 1.58
C ALA B 55 -30.58 47.31 2.82
N GLN B 56 -30.15 46.75 3.96
CA GLN B 56 -30.86 46.88 5.23
C GLN B 56 -30.75 48.30 5.79
N LEU B 57 -29.64 49.00 5.51
CA LEU B 57 -29.43 50.37 5.97
C LEU B 57 -30.09 51.42 5.07
N ALA B 58 -30.09 51.20 3.73
CA ALA B 58 -30.66 52.16 2.76
C ALA B 58 -32.14 52.47 2.98
N GLN B 59 -32.97 51.44 3.21
CA GLN B 59 -34.41 51.64 3.42
C GLN B 59 -34.72 52.22 4.82
N LEU B 60 -33.81 52.01 5.79
CA LEU B 60 -33.93 52.48 7.17
C LEU B 60 -33.81 54.02 7.30
N SER B 61 -34.20 54.57 8.47
CA SER B 61 -34.21 56.00 8.78
C SER B 61 -32.87 56.70 8.54
N PRO B 62 -32.91 57.98 8.10
CA PRO B 62 -31.65 58.71 7.83
C PRO B 62 -30.78 59.03 9.05
N GLN B 63 -31.17 58.55 10.25
CA GLN B 63 -30.38 58.76 11.47
C GLN B 63 -29.21 57.77 11.47
N GLU B 64 -29.48 56.51 11.10
CA GLU B 64 -28.46 55.47 11.01
C GLU B 64 -27.62 55.66 9.74
N ARG B 65 -28.26 56.10 8.62
CA ARG B 65 -27.59 56.34 7.35
C ARG B 65 -26.58 57.50 7.45
N LEU B 66 -25.56 57.48 6.58
CA LEU B 66 -24.46 58.44 6.51
C LEU B 66 -23.39 58.20 7.58
N SER B 67 -23.77 57.67 8.74
CA SER B 67 -22.82 57.37 9.80
C SER B 67 -22.44 55.90 9.70
N ARG B 68 -23.45 55.03 9.64
CA ARG B 68 -23.21 53.60 9.47
C ARG B 68 -22.81 53.30 8.02
N GLU B 69 -23.36 54.03 7.05
CA GLU B 69 -23.06 53.81 5.65
C GLU B 69 -21.68 54.33 5.23
N THR B 70 -21.15 55.36 5.90
CA THR B 70 -19.81 55.88 5.58
C THR B 70 -18.72 54.92 6.08
N ALA B 71 -18.97 54.25 7.23
CA ALA B 71 -18.06 53.27 7.80
C ALA B 71 -18.12 51.96 6.99
N LEU B 72 -19.33 51.58 6.55
CA LEU B 72 -19.54 50.40 5.73
C LEU B 72 -18.87 50.57 4.37
N GLN B 73 -18.93 51.77 3.79
CA GLN B 73 -18.28 52.05 2.51
C GLN B 73 -16.75 52.03 2.65
N GLN B 74 -16.22 52.44 3.81
CA GLN B 74 -14.80 52.44 4.10
C GLN B 74 -14.28 51.00 4.30
N LYS B 75 -15.12 50.14 4.90
CA LYS B 75 -14.83 48.72 5.10
C LYS B 75 -14.83 47.96 3.77
N GLN B 76 -15.71 48.36 2.84
CA GLN B 76 -15.81 47.73 1.52
C GLN B 76 -14.58 47.99 0.66
N VAL B 77 -14.17 49.24 0.52
CA VAL B 77 -13.02 49.63 -0.30
C VAL B 77 -11.71 48.97 0.15
N SER B 78 -11.48 48.86 1.47
CA SER B 78 -10.28 48.24 2.00
C SER B 78 -10.30 46.69 1.84
N LEU B 79 -11.49 46.07 2.01
CA LEU B 79 -11.66 44.64 1.82
C LEU B 79 -11.50 44.29 0.34
N GLU B 80 -12.08 45.10 -0.54
CA GLU B 80 -11.98 44.91 -1.98
C GLU B 80 -10.53 44.99 -2.44
N ALA B 81 -9.76 45.93 -1.87
CA ALA B 81 -8.34 46.09 -2.18
C ALA B 81 -7.53 44.92 -1.63
N TRP B 82 -7.91 44.40 -0.44
CA TRP B 82 -7.23 43.26 0.17
C TRP B 82 -7.38 42.04 -0.73
N LEU B 83 -8.62 41.81 -1.23
CA LEU B 83 -8.95 40.67 -2.08
C LEU B 83 -8.23 40.74 -3.40
N GLN B 84 -8.08 41.94 -3.96
CA GLN B 84 -7.39 42.14 -5.23
C GLN B 84 -5.89 41.81 -5.11
N ARG B 85 -5.25 42.12 -3.97
CA ARG B 85 -3.84 41.82 -3.74
C ARG B 85 -3.64 40.36 -3.26
N GLU B 86 -4.65 39.78 -2.60
CA GLU B 86 -4.64 38.39 -2.17
C GLU B 86 -4.80 37.47 -3.40
N ALA B 87 -5.57 37.90 -4.41
CA ALA B 87 -5.73 37.13 -5.65
C ALA B 87 -4.41 37.07 -6.42
N GLN B 88 -3.58 38.13 -6.34
CA GLN B 88 -2.27 38.11 -6.98
C GLN B 88 -1.32 37.19 -6.18
N THR B 89 -1.44 37.17 -4.85
CA THR B 89 -0.67 36.31 -3.96
C THR B 89 -0.99 34.84 -4.29
N LEU B 90 -2.28 34.53 -4.54
CA LEU B 90 -2.70 33.20 -4.94
C LEU B 90 -2.03 32.79 -6.25
N GLN B 91 -2.09 33.62 -7.31
CA GLN B 91 -1.42 33.28 -8.56
CA GLN B 91 -1.42 33.33 -8.59
C GLN B 91 0.09 33.14 -8.37
N GLN B 92 0.74 34.06 -7.63
CA GLN B 92 2.18 33.95 -7.38
C GLN B 92 2.55 32.65 -6.68
N TYR B 93 1.79 32.22 -5.65
CA TYR B 93 2.03 30.98 -4.92
C TYR B 93 1.91 29.78 -5.85
N ARG B 94 0.93 29.80 -6.77
CA ARG B 94 0.73 28.73 -7.74
C ARG B 94 1.91 28.62 -8.72
N VAL B 95 2.51 29.76 -9.11
CA VAL B 95 3.66 29.73 -9.99
C VAL B 95 4.88 29.26 -9.19
N GLU B 96 5.06 29.75 -7.95
CA GLU B 96 6.17 29.32 -7.09
C GLU B 96 6.14 27.81 -6.87
N LEU B 97 4.93 27.25 -6.71
CA LEU B 97 4.74 25.82 -6.52
C LEU B 97 5.05 25.03 -7.78
N ALA B 98 4.51 25.44 -8.94
CA ALA B 98 4.79 24.75 -10.20
C ALA B 98 6.28 24.84 -10.57
N GLU B 99 6.97 25.91 -10.17
CA GLU B 99 8.40 26.05 -10.43
C GLU B 99 9.21 25.09 -9.55
N LYS B 100 8.80 24.91 -8.29
CA LYS B 100 9.47 23.99 -7.38
C LYS B 100 9.25 22.58 -7.88
N HIS B 101 8.01 22.23 -8.26
CA HIS B 101 7.69 20.93 -8.81
C HIS B 101 8.51 20.59 -10.06
N GLN B 102 8.73 21.57 -10.95
CA GLN B 102 9.51 21.38 -12.17
C GLN B 102 10.97 21.05 -11.81
N LYS B 103 11.52 21.75 -10.81
CA LYS B 103 12.90 21.60 -10.33
C LYS B 103 13.14 20.23 -9.69
N THR B 104 12.17 19.71 -8.94
CA THR B 104 12.33 18.40 -8.32
C THR B 104 12.16 17.31 -9.37
N LEU B 105 11.23 17.46 -10.32
CA LEU B 105 11.08 16.48 -11.40
C LEU B 105 12.33 16.39 -12.29
N GLN B 106 13.11 17.48 -12.39
CA GLN B 106 14.34 17.49 -13.18
C GLN B 106 15.43 16.73 -12.45
N LEU B 107 15.52 16.90 -11.12
CA LEU B 107 16.48 16.17 -10.30
C LEU B 107 16.11 14.68 -10.26
N LEU B 108 14.81 14.40 -10.25
CA LEU B 108 14.26 13.06 -10.26
C LEU B 108 14.64 12.40 -11.59
N ARG B 109 14.46 13.10 -12.70
CA ARG B 109 14.79 12.64 -14.04
C ARG B 109 16.29 12.28 -14.17
N LYS B 110 17.15 13.05 -13.48
CA LYS B 110 18.60 12.81 -13.45
C LYS B 110 18.92 11.58 -12.57
N GLN B 111 18.25 11.44 -11.42
CA GLN B 111 18.44 10.31 -10.50
C GLN B 111 17.98 9.00 -11.13
N GLN B 112 16.80 9.02 -11.76
CA GLN B 112 16.23 7.89 -12.46
C GLN B 112 17.17 7.41 -13.57
N THR B 113 17.81 8.33 -14.30
CA THR B 113 18.76 7.94 -15.36
C THR B 113 19.96 7.19 -14.76
N ILE B 114 20.50 7.65 -13.63
CA ILE B 114 21.59 6.95 -12.95
C ILE B 114 21.16 5.55 -12.51
N ILE B 115 19.99 5.42 -11.88
CA ILE B 115 19.51 4.12 -11.41
C ILE B 115 19.16 3.14 -12.55
N LEU B 116 18.28 3.56 -13.45
CA LEU B 116 17.77 2.69 -14.51
C LEU B 116 18.68 2.52 -15.73
N ASP B 117 19.47 3.54 -16.12
CA ASP B 117 20.33 3.43 -17.30
C ASP B 117 21.79 3.11 -17.00
N ASP B 118 22.20 3.19 -15.72
CA ASP B 118 23.59 2.89 -15.37
CA ASP B 118 23.58 2.88 -15.37
C ASP B 118 23.67 1.67 -14.43
N GLU B 119 23.14 1.78 -13.20
CA GLU B 119 23.19 0.68 -12.23
C GLU B 119 22.45 -0.58 -12.65
N LEU B 120 21.26 -0.42 -13.22
CA LEU B 120 20.43 -1.54 -13.66
C LEU B 120 21.04 -2.20 -14.88
N ILE B 121 21.55 -1.40 -15.82
CA ILE B 121 22.20 -1.92 -17.01
C ILE B 121 23.48 -2.69 -16.63
N GLN B 122 24.21 -2.20 -15.62
CA GLN B 122 25.40 -2.88 -15.13
C GLN B 122 25.03 -4.26 -14.56
N TRP B 123 23.94 -4.34 -13.79
CA TRP B 123 23.47 -5.60 -13.23
C TRP B 123 23.04 -6.59 -14.31
N LYS B 124 22.27 -6.11 -15.30
CA LYS B 124 21.80 -6.95 -16.39
C LYS B 124 22.98 -7.48 -17.22
N ARG B 125 24.02 -6.65 -17.42
CA ARG B 125 25.22 -7.05 -18.14
C ARG B 125 26.04 -8.08 -17.32
N ARG B 126 26.07 -7.92 -15.99
CA ARG B 126 26.72 -8.87 -15.09
C ARG B 126 26.01 -10.23 -15.20
N GLN B 127 24.68 -10.21 -15.31
CA GLN B 127 23.84 -11.40 -15.45
C GLN B 127 24.01 -12.02 -16.84
N GLN B 128 24.22 -11.19 -17.87
CA GLN B 128 24.40 -11.66 -19.24
C GLN B 128 25.69 -12.45 -19.32
N LEU B 129 26.79 -11.92 -18.74
CA LEU B 129 28.06 -12.62 -18.70
C LEU B 129 28.05 -13.80 -17.73
N ALA B 130 27.15 -13.80 -16.73
CA ALA B 130 27.01 -14.94 -15.84
C ALA B 130 26.58 -16.21 -16.60
N GLY B 131 25.83 -16.04 -17.70
CA GLY B 131 25.43 -17.15 -18.57
C GLY B 131 26.61 -17.85 -19.25
N ASN B 132 27.76 -17.14 -19.30
CA ASN B 132 29.03 -17.62 -19.86
C ASN B 132 30.03 -18.04 -18.78
N GLY B 133 29.57 -18.24 -17.54
CA GLY B 133 30.45 -18.59 -16.45
C GLY B 133 31.06 -17.42 -15.69
N GLY B 134 30.64 -16.20 -16.02
CA GLY B 134 31.14 -15.01 -15.33
C GLY B 134 30.66 -14.92 -13.90
N PRO B 135 31.21 -13.97 -13.13
CA PRO B 135 30.81 -13.86 -11.72
C PRO B 135 29.32 -13.57 -11.55
N PRO B 136 28.69 -14.13 -10.49
CA PRO B 136 27.25 -13.88 -10.28
C PRO B 136 26.90 -12.40 -10.29
N GLU B 137 25.73 -12.08 -10.84
CA GLU B 137 25.25 -10.71 -10.94
C GLU B 137 25.03 -10.04 -9.60
N GLY B 138 24.67 -10.80 -8.59
CA GLY B 138 24.43 -10.25 -7.26
C GLY B 138 22.95 -10.03 -6.99
N SER B 139 22.61 -9.72 -5.73
CA SER B 139 21.22 -9.52 -5.36
C SER B 139 20.61 -8.23 -5.85
N LEU B 140 19.30 -8.28 -6.14
CA LEU B 140 18.57 -7.10 -6.55
C LEU B 140 18.09 -6.28 -5.34
N ASP B 141 18.67 -6.47 -4.14
CA ASP B 141 18.27 -5.76 -2.94
C ASP B 141 18.55 -4.27 -2.95
N VAL B 142 19.71 -3.87 -3.47
CA VAL B 142 20.10 -2.47 -3.54
C VAL B 142 19.30 -1.76 -4.64
N LEU B 143 19.11 -2.43 -5.78
CA LEU B 143 18.32 -1.88 -6.88
C LEU B 143 16.84 -1.80 -6.52
N GLN B 144 16.36 -2.72 -5.66
CA GLN B 144 14.98 -2.74 -5.18
C GLN B 144 14.77 -1.51 -4.30
N SER B 145 15.73 -1.22 -3.39
CA SER B 145 15.66 -0.10 -2.47
C SER B 145 15.65 1.21 -3.18
N TRP B 146 16.45 1.34 -4.23
CA TRP B 146 16.50 2.57 -5.00
C TRP B 146 15.24 2.76 -5.84
N CYS B 147 14.73 1.68 -6.44
CA CYS B 147 13.50 1.77 -7.22
C CYS B 147 12.27 2.01 -6.34
N GLU B 148 12.33 1.63 -5.05
CA GLU B 148 11.22 1.88 -4.13
C GLU B 148 11.17 3.38 -3.88
N LYS B 149 12.33 4.01 -3.62
CA LYS B 149 12.43 5.45 -3.37
C LYS B 149 12.04 6.30 -4.56
N LEU B 150 12.42 5.88 -5.76
CA LEU B 150 12.05 6.58 -6.99
C LEU B 150 10.53 6.57 -7.16
N ALA B 151 9.89 5.42 -6.88
CA ALA B 151 8.43 5.29 -6.96
C ALA B 151 7.77 6.12 -5.88
N GLU B 152 8.33 6.11 -4.66
CA GLU B 152 7.82 6.87 -3.53
C GLU B 152 7.85 8.38 -3.81
N ILE B 153 8.94 8.88 -4.39
CA ILE B 153 9.09 10.29 -4.69
C ILE B 153 8.25 10.71 -5.90
N ILE B 154 8.20 9.91 -6.99
CA ILE B 154 7.36 10.28 -8.14
C ILE B 154 5.89 10.25 -7.77
N TRP B 155 5.48 9.32 -6.90
CA TRP B 155 4.07 9.23 -6.53
C TRP B 155 3.63 10.37 -5.63
N GLN B 156 4.47 10.77 -4.67
CA GLN B 156 4.16 11.89 -3.76
C GLN B 156 3.98 13.18 -4.57
N ASN B 157 4.88 13.41 -5.53
CA ASN B 157 4.81 14.58 -6.39
C ASN B 157 3.59 14.52 -7.28
N ARG B 158 3.22 13.33 -7.78
CA ARG B 158 2.02 13.20 -8.62
C ARG B 158 0.78 13.54 -7.84
N GLN B 159 0.70 13.10 -6.58
CA GLN B 159 -0.48 13.41 -5.77
C GLN B 159 -0.43 14.84 -5.20
N GLN B 160 0.72 15.54 -5.27
CA GLN B 160 0.80 16.93 -4.88
C GLN B 160 0.25 17.76 -6.03
N ILE B 161 0.70 17.47 -7.27
CA ILE B 161 0.21 18.21 -8.42
C ILE B 161 -1.27 17.92 -8.69
N ARG B 162 -1.78 16.74 -8.29
CA ARG B 162 -3.21 16.42 -8.47
C ARG B 162 -4.04 17.36 -7.60
N ARG B 163 -3.61 17.60 -6.36
CA ARG B 163 -4.25 18.51 -5.41
C ARG B 163 -4.14 19.95 -5.85
N ALA B 164 -3.01 20.32 -6.48
CA ALA B 164 -2.77 21.66 -7.00
C ALA B 164 -3.75 21.95 -8.15
N GLU B 165 -3.97 20.98 -9.04
CA GLU B 165 -4.92 21.10 -10.13
C GLU B 165 -6.33 21.18 -9.57
N HIS B 166 -6.63 20.41 -8.52
CA HIS B 166 -7.93 20.40 -7.87
C HIS B 166 -8.27 21.78 -7.31
N LEU B 167 -7.28 22.52 -6.79
CA LEU B 167 -7.49 23.87 -6.28
C LEU B 167 -7.78 24.87 -7.41
N CYS B 168 -7.16 24.68 -8.58
CA CYS B 168 -7.40 25.50 -9.76
C CYS B 168 -8.82 25.30 -10.27
N GLN B 169 -9.34 24.07 -10.21
CA GLN B 169 -10.71 23.77 -10.61
C GLN B 169 -11.70 24.56 -9.76
N GLN B 170 -11.41 24.72 -8.48
CA GLN B 170 -12.27 25.43 -7.57
C GLN B 170 -12.19 26.96 -7.70
N LEU B 171 -11.00 27.49 -8.01
CA LEU B 171 -10.84 28.93 -8.20
C LEU B 171 -9.94 29.20 -9.39
N PRO B 172 -10.50 29.21 -10.61
CA PRO B 172 -9.66 29.40 -11.81
C PRO B 172 -9.07 30.78 -11.96
N ILE B 173 -7.75 30.84 -12.17
CA ILE B 173 -7.03 32.09 -12.42
C ILE B 173 -6.23 31.92 -13.71
N PRO B 174 -6.57 32.69 -14.75
CA PRO B 174 -5.87 32.55 -16.04
C PRO B 174 -4.39 32.92 -15.96
N GLY B 175 -3.59 32.29 -16.81
CA GLY B 175 -2.17 32.59 -16.84
C GLY B 175 -1.25 31.45 -17.17
N PRO B 176 0.05 31.67 -16.97
CA PRO B 176 1.05 30.64 -17.30
C PRO B 176 0.97 29.34 -16.51
N VAL B 177 0.16 29.30 -15.44
CA VAL B 177 0.02 28.11 -14.61
C VAL B 177 -0.62 26.96 -15.39
N GLU B 178 -1.55 27.26 -16.29
CA GLU B 178 -2.22 26.23 -17.08
C GLU B 178 -1.25 25.44 -17.95
N GLU B 179 -0.24 26.12 -18.51
CA GLU B 179 0.77 25.46 -19.33
C GLU B 179 1.89 24.86 -18.49
N MET B 180 2.19 25.47 -17.32
CA MET B 180 3.20 24.96 -16.41
C MET B 180 2.74 23.61 -15.86
N LEU B 181 1.46 23.50 -15.48
CA LEU B 181 0.91 22.24 -14.98
C LEU B 181 0.82 21.18 -16.07
N ALA B 182 0.63 21.59 -17.33
CA ALA B 182 0.62 20.66 -18.45
C ALA B 182 2.04 20.11 -18.66
N GLU B 183 3.06 20.98 -18.56
CA GLU B 183 4.48 20.64 -18.69
C GLU B 183 4.91 19.69 -17.54
N VAL B 184 4.32 19.85 -16.35
CA VAL B 184 4.60 19.01 -15.19
C VAL B 184 3.95 17.64 -15.38
N ASN B 185 2.66 17.62 -15.80
CA ASN B 185 1.91 16.39 -16.05
C ASN B 185 2.54 15.57 -17.18
N ALA B 186 3.07 16.25 -18.22
CA ALA B 186 3.74 15.53 -19.31
C ALA B 186 4.99 14.84 -18.79
N THR B 187 5.72 15.51 -17.89
CA THR B 187 6.91 15.00 -17.24
C THR B 187 6.61 13.82 -16.31
N ILE B 188 5.57 13.89 -15.47
CA ILE B 188 5.26 12.80 -14.56
C ILE B 188 4.86 11.52 -15.30
N THR B 189 4.09 11.60 -16.41
CA THR B 189 3.71 10.39 -17.14
C THR B 189 4.91 9.73 -17.84
N ASP B 190 5.92 10.51 -18.24
CA ASP B 190 7.12 9.94 -18.86
C ASP B 190 8.01 9.27 -17.81
N ILE B 191 8.12 9.87 -16.62
CA ILE B 191 8.94 9.33 -15.53
C ILE B 191 8.29 8.06 -15.01
N ILE B 192 6.97 8.10 -14.78
CA ILE B 192 6.23 6.95 -14.28
C ILE B 192 6.23 5.81 -15.26
N SER B 193 6.07 6.07 -16.56
CA SER B 193 6.06 5.01 -17.57
C SER B 193 7.42 4.33 -17.71
N ALA B 194 8.50 5.11 -17.79
CA ALA B 194 9.86 4.57 -17.89
C ALA B 194 10.21 3.78 -16.65
N LEU B 195 9.80 4.25 -15.46
CA LEU B 195 10.11 3.54 -14.23
C LEU B 195 9.40 2.21 -14.20
N VAL B 196 8.12 2.17 -14.59
CA VAL B 196 7.34 0.94 -14.56
C VAL B 196 7.86 -0.10 -15.58
N THR B 197 7.98 0.27 -16.85
CA THR B 197 8.45 -0.65 -17.89
C THR B 197 9.88 -1.16 -17.66
N SER B 198 10.75 -0.30 -17.14
CA SER B 198 12.13 -0.67 -16.90
C SER B 198 12.35 -1.49 -15.64
N THR B 199 11.40 -1.48 -14.68
CA THR B 199 11.57 -2.28 -13.47
C THR B 199 10.89 -3.65 -13.53
N PHE B 200 10.41 -4.06 -14.71
CA PHE B 200 9.83 -5.38 -14.91
C PHE B 200 10.96 -6.19 -15.52
N ILE B 201 11.81 -6.76 -14.66
CA ILE B 201 13.01 -7.46 -15.08
C ILE B 201 13.04 -8.96 -14.72
N ILE B 202 13.87 -9.72 -15.45
CA ILE B 202 14.04 -11.13 -15.21
C ILE B 202 15.18 -11.35 -14.23
N GLU B 203 14.85 -11.80 -13.03
CA GLU B 203 15.79 -12.04 -11.95
C GLU B 203 16.61 -13.30 -12.22
N LYS B 204 15.94 -14.36 -12.68
CA LYS B 204 16.55 -15.64 -13.01
C LYS B 204 16.11 -15.98 -14.43
N GLN B 205 17.07 -15.98 -15.37
CA GLN B 205 16.85 -16.24 -16.78
C GLN B 205 16.52 -17.71 -17.07
N PRO B 206 15.72 -17.99 -18.11
CA PRO B 206 15.47 -19.40 -18.49
C PRO B 206 16.72 -20.00 -19.16
N PRO B 207 16.87 -21.35 -19.12
CA PRO B 207 18.05 -21.98 -19.78
C PRO B 207 18.29 -21.50 -21.19
N GLN B 208 19.48 -20.95 -21.48
CA GLN B 208 19.79 -20.46 -22.82
C GLN B 208 19.97 -21.56 -23.85
N VAL B 209 20.16 -22.82 -23.43
CA VAL B 209 20.17 -23.94 -24.36
C VAL B 209 19.01 -24.79 -23.90
N LEU B 210 17.85 -24.50 -24.49
CA LEU B 210 16.57 -25.07 -24.12
C LEU B 210 16.17 -26.28 -24.94
N LYS B 211 16.10 -27.44 -24.30
CA LYS B 211 15.66 -28.66 -24.96
C LYS B 211 14.12 -28.69 -24.95
N THR B 212 13.53 -29.36 -25.93
CA THR B 212 12.08 -29.52 -25.99
C THR B 212 11.63 -30.57 -24.95
N GLN B 213 10.36 -30.52 -24.52
CA GLN B 213 9.77 -31.43 -23.51
C GLN B 213 10.57 -31.48 -22.18
N THR B 214 11.23 -30.37 -21.82
CA THR B 214 12.03 -30.34 -20.59
C THR B 214 11.51 -29.25 -19.69
N LYS B 215 11.35 -29.59 -18.40
CA LYS B 215 10.89 -28.63 -17.40
C LYS B 215 11.95 -27.58 -17.16
N PHE B 216 11.56 -26.32 -17.20
CA PHE B 216 12.47 -25.21 -16.96
C PHE B 216 11.85 -24.12 -16.11
N ALA B 217 12.68 -23.23 -15.56
CA ALA B 217 12.21 -22.19 -14.68
C ALA B 217 12.78 -20.81 -15.03
N ALA B 218 12.06 -19.76 -14.59
CA ALA B 218 12.42 -18.36 -14.76
C ALA B 218 11.70 -17.56 -13.68
N THR B 219 12.34 -16.52 -13.13
CA THR B 219 11.73 -15.67 -12.12
C THR B 219 11.73 -14.27 -12.66
N VAL B 220 10.58 -13.59 -12.63
CA VAL B 220 10.44 -12.21 -13.11
C VAL B 220 10.04 -11.33 -11.95
N ARG B 221 10.83 -10.30 -11.65
CA ARG B 221 10.54 -9.36 -10.56
C ARG B 221 10.01 -8.04 -11.09
N LEU B 222 9.27 -7.31 -10.26
CA LEU B 222 8.83 -5.96 -10.54
C LEU B 222 9.42 -5.15 -9.39
N LEU B 223 10.52 -4.42 -9.63
CA LEU B 223 11.24 -3.71 -8.57
C LEU B 223 10.44 -2.61 -7.83
N VAL B 224 9.38 -2.06 -8.45
CA VAL B 224 8.55 -1.02 -7.81
C VAL B 224 7.22 -1.62 -7.34
N GLY B 225 7.25 -2.84 -6.82
CA GLY B 225 6.04 -3.54 -6.40
C GLY B 225 5.41 -3.06 -5.11
N GLY B 226 6.19 -3.13 -4.03
CA GLY B 226 5.71 -2.76 -2.71
C GLY B 226 5.35 -1.30 -2.55
N LYS B 227 5.97 -0.40 -3.32
CA LYS B 227 5.72 1.04 -3.18
C LYS B 227 4.77 1.64 -4.22
N LEU B 228 4.05 0.81 -4.99
CA LEU B 228 3.02 1.32 -5.90
C LEU B 228 1.68 0.54 -5.77
N ASN B 229 1.51 -0.16 -4.62
CA ASN B 229 0.37 -0.98 -4.26
C ASN B 229 0.01 -2.01 -5.33
N VAL B 230 1.00 -2.46 -6.13
CA VAL B 230 0.78 -3.47 -7.17
C VAL B 230 0.49 -4.87 -6.54
N HIS B 231 0.95 -5.09 -5.29
CA HIS B 231 0.71 -6.29 -4.50
C HIS B 231 -0.77 -6.47 -4.12
N MET B 232 -1.54 -5.36 -4.06
CA MET B 232 -2.98 -5.36 -3.83
C MET B 232 -3.52 -5.79 -5.18
N ASN B 233 -4.10 -6.97 -5.29
CA ASN B 233 -4.56 -7.49 -6.60
C ASN B 233 -3.32 -7.70 -7.51
N PRO B 234 -2.49 -8.73 -7.24
CA PRO B 234 -1.29 -8.92 -8.07
C PRO B 234 -1.63 -9.41 -9.47
N PRO B 235 -0.86 -8.95 -10.47
CA PRO B 235 -1.15 -9.32 -11.85
C PRO B 235 -0.70 -10.73 -12.24
N GLN B 236 -1.17 -11.19 -13.40
CA GLN B 236 -0.78 -12.46 -13.98
C GLN B 236 0.29 -12.19 -15.04
N VAL B 237 1.37 -12.99 -15.04
CA VAL B 237 2.45 -12.87 -16.01
C VAL B 237 2.33 -14.01 -17.02
N LYS B 238 2.47 -13.71 -18.31
CA LYS B 238 2.35 -14.73 -19.36
C LYS B 238 3.67 -14.90 -20.10
N ALA B 239 4.19 -16.12 -20.09
CA ALA B 239 5.43 -16.45 -20.76
C ALA B 239 5.12 -16.96 -22.18
N THR B 240 5.88 -16.49 -23.19
CA THR B 240 5.63 -16.88 -24.57
C THR B 240 6.94 -16.99 -25.34
N ILE B 241 7.17 -18.08 -26.10
CA ILE B 241 8.42 -18.18 -26.87
C ILE B 241 8.24 -17.47 -28.21
N ILE B 242 9.10 -16.50 -28.47
CA ILE B 242 9.05 -15.67 -29.68
C ILE B 242 10.34 -15.81 -30.51
N SER B 243 10.30 -15.57 -31.83
CA SER B 243 11.49 -15.68 -32.67
C SER B 243 12.32 -14.38 -32.68
N GLU B 244 13.50 -14.38 -33.31
CA GLU B 244 14.33 -13.17 -33.43
C GLU B 244 13.61 -12.12 -34.28
N GLN B 245 12.88 -12.55 -35.32
CA GLN B 245 12.11 -11.68 -36.20
C GLN B 245 10.95 -11.07 -35.41
N GLN B 246 10.25 -11.91 -34.63
CA GLN B 246 9.12 -11.48 -33.81
C GLN B 246 9.55 -10.54 -32.69
N ALA B 247 10.78 -10.69 -32.17
CA ALA B 247 11.31 -9.82 -31.14
C ALA B 247 11.57 -8.42 -31.69
N LYS B 248 12.03 -8.33 -32.97
CA LYS B 248 12.28 -7.06 -33.63
C LYS B 248 10.98 -6.32 -33.84
N SER B 249 9.90 -7.04 -34.24
CA SER B 249 8.57 -6.47 -34.45
C SER B 249 7.99 -5.96 -33.13
N LEU B 250 8.20 -6.72 -32.05
CA LEU B 250 7.71 -6.38 -30.72
C LEU B 250 8.28 -5.02 -30.27
N LEU B 251 9.55 -4.76 -30.59
CA LEU B 251 10.17 -3.49 -30.19
C LEU B 251 9.93 -2.36 -31.19
N LYS B 252 9.88 -2.67 -32.50
CA LYS B 252 9.61 -1.66 -33.53
C LYS B 252 8.11 -1.29 -33.65
N ASN B 253 7.24 -1.88 -32.79
CA ASN B 253 5.78 -1.73 -32.73
C ASN B 253 5.05 -2.06 -34.06
N GLU B 254 5.74 -2.75 -34.98
CA GLU B 254 5.19 -3.17 -36.27
C GLU B 254 4.67 -4.61 -36.15
N ASN B 255 3.94 -4.89 -35.05
CA ASN B 255 3.39 -6.22 -34.79
C ASN B 255 1.86 -6.21 -34.85
N THR B 256 1.27 -7.27 -35.41
CA THR B 256 -0.19 -7.37 -35.51
C THR B 256 -0.69 -8.36 -34.45
N ARG B 257 -1.46 -7.85 -33.47
CA ARG B 257 -2.04 -8.59 -32.36
C ARG B 257 -0.95 -9.38 -31.52
N ASN B 258 -0.86 -10.73 -31.62
CA ASN B 258 0.10 -11.50 -30.85
C ASN B 258 0.72 -12.62 -31.67
N GLU B 259 1.98 -12.46 -32.07
CA GLU B 259 2.69 -13.48 -32.86
C GLU B 259 3.61 -14.30 -31.95
N CYS B 260 3.66 -15.62 -32.13
CA CYS B 260 4.52 -16.48 -31.31
C CYS B 260 5.15 -17.65 -32.11
N SER B 261 6.12 -18.36 -31.51
CA SER B 261 6.80 -19.45 -32.20
C SER B 261 6.78 -20.78 -31.46
N GLY B 262 5.79 -20.98 -30.61
CA GLY B 262 5.68 -22.23 -29.86
C GLY B 262 4.77 -22.14 -28.65
N GLU B 263 4.51 -23.29 -28.02
CA GLU B 263 3.64 -23.34 -26.86
C GLU B 263 4.40 -23.71 -25.60
N ILE B 264 4.16 -22.96 -24.51
CA ILE B 264 4.82 -23.26 -23.24
C ILE B 264 3.79 -23.75 -22.23
N LEU B 265 4.05 -24.90 -21.63
CA LEU B 265 3.18 -25.46 -20.61
C LEU B 265 3.39 -24.68 -19.31
N ASN B 266 2.33 -24.48 -18.52
CA ASN B 266 2.39 -23.75 -17.26
C ASN B 266 2.98 -22.34 -17.44
N ASN B 267 2.56 -21.64 -18.50
CA ASN B 267 3.08 -20.31 -18.82
C ASN B 267 2.39 -19.15 -18.14
N CYS B 268 1.43 -19.41 -17.26
CA CYS B 268 0.72 -18.35 -16.56
C CYS B 268 1.08 -18.43 -15.10
N CYS B 269 1.51 -17.31 -14.53
CA CYS B 269 1.92 -17.27 -13.13
C CYS B 269 1.59 -15.92 -12.52
N VAL B 270 0.83 -15.92 -11.42
CA VAL B 270 0.48 -14.71 -10.70
C VAL B 270 1.63 -14.30 -9.77
N MET B 271 1.94 -13.00 -9.71
CA MET B 271 3.03 -12.49 -8.88
C MET B 271 2.74 -12.66 -7.37
N GLU B 272 3.79 -12.92 -6.58
CA GLU B 272 3.68 -13.12 -5.14
C GLU B 272 4.44 -12.03 -4.39
N TYR B 273 3.80 -11.41 -3.38
CA TYR B 273 4.47 -10.40 -2.58
C TYR B 273 5.04 -11.05 -1.33
N HIS B 274 6.30 -10.77 -1.01
CA HIS B 274 6.93 -11.32 0.18
C HIS B 274 7.17 -10.19 1.19
N GLN B 275 6.38 -10.14 2.26
CA GLN B 275 6.55 -9.13 3.31
C GLN B 275 7.92 -9.30 3.98
N ALA B 276 8.47 -8.19 4.55
CA ALA B 276 9.79 -8.17 5.19
C ALA B 276 10.88 -8.64 4.20
N THR B 277 10.82 -8.02 3.03
CA THR B 277 11.64 -8.12 1.81
C THR B 277 11.12 -7.08 0.81
N GLY B 278 9.79 -6.92 0.74
CA GLY B 278 9.12 -6.00 -0.17
C GLY B 278 9.21 -6.42 -1.61
N THR B 279 9.55 -7.71 -1.86
CA THR B 279 9.75 -8.20 -3.20
C THR B 279 8.46 -8.78 -3.81
N LEU B 280 8.12 -8.30 -4.99
CA LEU B 280 6.96 -8.76 -5.75
C LEU B 280 7.52 -9.48 -6.98
N SER B 281 7.48 -10.83 -6.97
CA SER B 281 8.03 -11.62 -8.07
C SER B 281 7.14 -12.75 -8.55
N ALA B 282 7.29 -13.16 -9.81
CA ALA B 282 6.55 -14.26 -10.39
C ALA B 282 7.52 -15.41 -10.65
N HIS B 283 7.45 -16.47 -9.84
CA HIS B 283 8.29 -17.66 -9.97
C HIS B 283 7.63 -18.71 -10.88
N PHE B 284 8.20 -18.94 -12.06
CA PHE B 284 7.70 -19.94 -12.98
C PHE B 284 8.56 -21.15 -12.71
N ARG B 285 8.05 -22.19 -12.02
CA ARG B 285 8.89 -23.34 -11.66
C ARG B 285 8.69 -24.57 -12.51
N ASN B 286 7.59 -24.65 -13.26
CA ASN B 286 7.30 -25.86 -14.05
C ASN B 286 7.01 -25.60 -15.53
N MET B 287 7.67 -24.61 -16.15
CA MET B 287 7.45 -24.35 -17.58
C MET B 287 7.98 -25.49 -18.45
N SER B 288 7.48 -25.67 -19.67
CA SER B 288 7.96 -26.73 -20.56
C SER B 288 7.67 -26.41 -22.00
N LEU B 289 8.66 -26.49 -22.87
CA LEU B 289 8.46 -26.23 -24.29
C LEU B 289 7.79 -27.41 -24.98
N LYS B 290 6.48 -27.26 -25.27
CA LYS B 290 5.63 -28.27 -25.89
C LYS B 290 5.92 -28.39 -27.40
N ARG B 291 5.88 -27.27 -28.13
CA ARG B 291 6.13 -27.28 -29.57
C ARG B 291 7.02 -26.11 -30.00
N ILE B 292 7.74 -26.25 -31.11
CA ILE B 292 8.59 -25.18 -31.62
C ILE B 292 8.38 -24.95 -33.12
N LYS B 293 8.33 -23.68 -33.55
CA LYS B 293 8.12 -23.34 -34.96
C LYS B 293 9.36 -22.69 -35.58
N ARG B 294 10.00 -23.38 -36.53
CA ARG B 294 11.17 -22.87 -37.25
C ARG B 294 10.81 -22.49 -38.72
N ALA B 295 11.61 -21.61 -39.37
CA ALA B 295 11.36 -21.18 -40.76
C ALA B 295 12.67 -20.83 -41.48
N SER B 302 20.25 -22.75 -39.79
CA SER B 302 20.67 -23.81 -38.88
C SER B 302 19.86 -23.79 -37.58
N VAL B 303 19.66 -24.96 -36.98
CA VAL B 303 18.91 -25.10 -35.73
C VAL B 303 19.70 -24.54 -34.54
N THR B 304 20.95 -25.01 -34.37
CA THR B 304 21.84 -24.56 -33.30
C THR B 304 22.25 -23.09 -33.41
N GLU B 305 21.83 -22.38 -34.46
CA GLU B 305 22.16 -20.98 -34.66
C GLU B 305 20.91 -20.07 -34.58
N GLU B 306 19.69 -20.65 -34.66
CA GLU B 306 18.47 -19.86 -34.60
C GLU B 306 18.12 -19.45 -33.17
N LYS B 307 17.97 -18.13 -32.94
CA LYS B 307 17.67 -17.61 -31.61
C LYS B 307 16.20 -17.33 -31.38
N PHE B 308 15.75 -17.57 -30.16
CA PHE B 308 14.40 -17.32 -29.69
C PHE B 308 14.47 -16.51 -28.38
N THR B 309 13.33 -16.06 -27.85
CA THR B 309 13.30 -15.33 -26.58
C THR B 309 11.97 -15.53 -25.86
N VAL B 310 12.04 -15.83 -24.56
CA VAL B 310 10.82 -15.99 -23.78
C VAL B 310 10.40 -14.58 -23.41
N LEU B 311 9.22 -14.20 -23.89
CA LEU B 311 8.64 -12.89 -23.67
C LEU B 311 7.72 -13.02 -22.48
N PHE B 312 7.94 -12.19 -21.44
CA PHE B 312 7.08 -12.18 -20.27
C PHE B 312 6.24 -10.92 -20.32
N GLU B 313 4.91 -11.06 -20.34
CA GLU B 313 4.04 -9.90 -20.44
C GLU B 313 2.99 -9.83 -19.32
N SER B 314 2.70 -8.63 -18.83
CA SER B 314 1.72 -8.43 -17.77
C SER B 314 0.94 -7.10 -17.96
N GLN B 315 -0.14 -6.91 -17.20
CA GLN B 315 -0.95 -5.71 -17.30
C GLN B 315 -1.58 -5.38 -15.95
N PHE B 316 -1.22 -4.23 -15.39
CA PHE B 316 -1.72 -3.83 -14.08
C PHE B 316 -1.92 -2.31 -13.96
N SER B 317 -2.69 -1.87 -12.95
CA SER B 317 -2.92 -0.45 -12.74
C SER B 317 -2.21 0.07 -11.50
N VAL B 318 -1.90 1.37 -11.46
CA VAL B 318 -1.24 1.97 -10.32
C VAL B 318 -2.12 3.06 -9.70
N GLY B 319 -2.75 2.77 -8.57
CA GLY B 319 -3.59 3.70 -7.84
C GLY B 319 -4.87 4.12 -8.55
N SER B 320 -4.72 4.96 -9.59
CA SER B 320 -5.83 5.42 -10.42
C SER B 320 -6.26 4.26 -11.34
N ASN B 321 -7.60 4.06 -11.46
CA ASN B 321 -8.21 2.99 -12.27
C ASN B 321 -7.74 3.03 -13.73
N GLU B 322 -7.70 4.25 -14.33
CA GLU B 322 -7.31 4.49 -15.72
C GLU B 322 -5.81 4.37 -15.98
N LEU B 323 -4.97 4.51 -14.94
CA LEU B 323 -3.53 4.40 -15.13
C LEU B 323 -3.11 2.94 -15.24
N VAL B 324 -3.27 2.35 -16.43
CA VAL B 324 -2.97 0.94 -16.67
C VAL B 324 -1.77 0.75 -17.60
N PHE B 325 -0.82 -0.08 -17.20
CA PHE B 325 0.40 -0.31 -17.98
C PHE B 325 0.47 -1.72 -18.55
N GLN B 326 1.05 -1.84 -19.76
CA GLN B 326 1.28 -3.14 -20.37
C GLN B 326 2.78 -3.37 -20.36
N VAL B 327 3.29 -4.07 -19.35
CA VAL B 327 4.74 -4.30 -19.25
C VAL B 327 5.17 -5.51 -20.07
N LYS B 328 6.36 -5.44 -20.70
CA LYS B 328 6.88 -6.55 -21.51
C LYS B 328 8.37 -6.68 -21.30
N THR B 329 8.87 -7.90 -21.06
CA THR B 329 10.31 -8.10 -20.93
C THR B 329 10.78 -9.31 -21.74
N LEU B 330 11.86 -9.14 -22.50
CA LEU B 330 12.41 -10.23 -23.30
C LEU B 330 13.53 -10.90 -22.55
N SER B 331 13.58 -12.22 -22.59
CA SER B 331 14.67 -12.95 -21.95
C SER B 331 15.94 -12.88 -22.82
N LEU B 332 17.11 -13.28 -22.27
CA LEU B 332 18.34 -13.34 -23.05
C LEU B 332 18.11 -14.42 -24.15
N PRO B 333 18.67 -14.25 -25.37
CA PRO B 333 18.39 -15.22 -26.43
C PRO B 333 18.60 -16.69 -26.04
N VAL B 334 17.67 -17.53 -26.49
CA VAL B 334 17.59 -18.95 -26.19
C VAL B 334 17.69 -19.77 -27.48
N VAL B 335 18.56 -20.79 -27.51
CA VAL B 335 18.64 -21.68 -28.66
C VAL B 335 17.88 -22.96 -28.31
N VAL B 336 16.91 -23.36 -29.16
CA VAL B 336 16.11 -24.55 -28.89
C VAL B 336 16.60 -25.80 -29.64
N ILE B 337 16.94 -26.86 -28.88
CA ILE B 337 17.41 -28.14 -29.40
C ILE B 337 16.41 -29.28 -29.10
N VAL B 338 16.60 -30.47 -29.70
CA VAL B 338 15.67 -31.57 -29.51
C VAL B 338 16.30 -32.81 -28.83
N HIS B 339 17.46 -33.31 -29.30
CA HIS B 339 18.00 -34.55 -28.77
C HIS B 339 19.10 -34.49 -27.70
N GLY B 340 19.67 -33.32 -27.42
CA GLY B 340 20.73 -33.22 -26.42
C GLY B 340 22.12 -33.38 -26.98
N SER B 341 22.23 -33.99 -28.18
CA SER B 341 23.50 -34.11 -28.90
C SER B 341 23.89 -32.73 -29.47
N GLN B 342 22.88 -31.92 -29.86
CA GLN B 342 23.04 -30.57 -30.43
C GLN B 342 23.33 -29.48 -29.38
N ASP B 343 23.49 -29.86 -28.10
CA ASP B 343 23.77 -28.97 -26.97
C ASP B 343 25.10 -28.24 -27.16
N HIS B 344 26.08 -28.95 -27.69
CA HIS B 344 27.44 -28.47 -27.93
C HIS B 344 27.52 -27.35 -28.96
N ASN B 345 26.84 -27.45 -30.11
CA ASN B 345 26.87 -26.37 -31.11
C ASN B 345 26.04 -25.15 -30.69
N ALA B 346 24.99 -25.37 -29.91
CA ALA B 346 24.11 -24.32 -29.39
C ALA B 346 24.87 -23.45 -28.38
N THR B 347 25.74 -24.09 -27.57
CA THR B 347 26.55 -23.40 -26.56
C THR B 347 27.41 -22.33 -27.20
N ALA B 348 27.94 -22.58 -28.41
CA ALA B 348 28.78 -21.63 -29.12
C ALA B 348 28.01 -20.35 -29.50
N THR B 349 26.76 -20.51 -29.95
CA THR B 349 25.88 -19.41 -30.37
C THR B 349 25.51 -18.53 -29.18
N VAL B 350 25.24 -19.15 -28.03
CA VAL B 350 24.89 -18.48 -26.79
C VAL B 350 26.14 -17.77 -26.22
N LEU B 351 27.30 -18.47 -26.26
CA LEU B 351 28.60 -17.99 -25.80
C LEU B 351 28.94 -16.70 -26.55
N TRP B 352 28.73 -16.68 -27.88
CA TRP B 352 29.01 -15.52 -28.72
C TRP B 352 28.08 -14.36 -28.39
N ASP B 353 26.81 -14.66 -28.20
CA ASP B 353 25.82 -13.64 -27.90
C ASP B 353 26.05 -12.97 -26.54
N ASN B 354 26.14 -13.74 -25.45
CA ASN B 354 26.35 -13.18 -24.12
C ASN B 354 27.61 -12.33 -24.02
N ALA B 355 28.71 -12.77 -24.63
CA ALA B 355 29.96 -12.04 -24.55
C ALA B 355 30.07 -10.79 -25.40
N PHE B 356 29.52 -10.84 -26.62
CA PHE B 356 29.72 -9.76 -27.58
C PHE B 356 28.49 -8.87 -27.88
N ALA B 357 27.40 -9.03 -27.12
CA ALA B 357 26.22 -8.19 -27.29
C ALA B 357 26.54 -6.73 -26.98
N GLU B 358 26.09 -5.81 -27.84
CA GLU B 358 26.32 -4.39 -27.64
C GLU B 358 25.22 -3.78 -26.78
N PRO B 359 25.56 -2.82 -25.90
CA PRO B 359 24.51 -2.17 -25.10
C PRO B 359 23.55 -1.39 -25.99
N GLY B 360 22.27 -1.64 -25.83
CA GLY B 360 21.23 -0.98 -26.62
C GLY B 360 21.10 -1.51 -28.04
N ARG B 361 21.34 -2.80 -28.24
CA ARG B 361 21.26 -3.41 -29.56
C ARG B 361 19.84 -3.76 -29.98
N VAL B 362 19.63 -3.98 -31.28
CA VAL B 362 18.34 -4.43 -31.79
C VAL B 362 18.28 -5.94 -31.54
N PRO B 363 17.10 -6.48 -31.19
CA PRO B 363 16.99 -7.89 -30.86
C PRO B 363 17.89 -8.91 -31.57
N PHE B 364 18.90 -9.30 -30.78
CA PHE B 364 19.89 -10.37 -30.93
C PHE B 364 20.82 -10.17 -32.10
N ALA B 365 21.27 -8.92 -32.26
CA ALA B 365 22.24 -8.60 -33.29
C ALA B 365 23.61 -8.72 -32.64
N VAL B 366 24.47 -9.60 -33.17
CA VAL B 366 25.83 -9.76 -32.62
C VAL B 366 26.89 -9.32 -33.65
N PRO B 367 28.07 -8.87 -33.20
CA PRO B 367 29.12 -8.48 -34.15
C PRO B 367 29.58 -9.70 -34.95
N ASP B 368 29.83 -9.53 -36.27
CA ASP B 368 30.31 -10.63 -37.08
C ASP B 368 31.75 -10.94 -36.71
N LYS B 369 32.58 -9.90 -36.54
CA LYS B 369 33.97 -10.10 -36.17
C LYS B 369 34.30 -9.52 -34.82
N VAL B 370 35.26 -10.14 -34.15
CA VAL B 370 35.73 -9.74 -32.83
C VAL B 370 37.25 -9.98 -32.74
N LEU B 371 37.98 -9.14 -31.98
CA LEU B 371 39.44 -9.29 -31.87
C LEU B 371 39.80 -10.50 -31.01
N TRP B 372 40.95 -11.14 -31.28
CA TRP B 372 41.39 -12.32 -30.54
C TRP B 372 41.37 -12.15 -28.98
N PRO B 373 41.95 -11.07 -28.38
CA PRO B 373 41.87 -10.92 -26.92
C PRO B 373 40.46 -10.87 -26.34
N GLN B 374 39.48 -10.41 -27.13
CA GLN B 374 38.07 -10.34 -26.71
C GLN B 374 37.49 -11.74 -26.61
N LEU B 375 37.82 -12.59 -27.59
CA LEU B 375 37.40 -13.99 -27.63
C LEU B 375 38.06 -14.77 -26.50
N CYS B 376 39.35 -14.46 -26.22
CA CYS B 376 40.12 -15.07 -25.14
C CYS B 376 39.46 -14.91 -23.78
N GLU B 377 38.91 -13.72 -23.49
CA GLU B 377 38.24 -13.45 -22.23
C GLU B 377 37.03 -14.36 -22.06
N ALA B 378 36.28 -14.57 -23.17
CA ALA B 378 35.08 -15.40 -23.22
C ALA B 378 35.40 -16.89 -23.07
N LEU B 379 36.39 -17.40 -23.83
CA LEU B 379 36.78 -18.81 -23.74
C LEU B 379 37.30 -19.13 -22.36
N ASN B 380 38.12 -18.24 -21.79
CA ASN B 380 38.65 -18.45 -20.46
C ASN B 380 37.53 -18.46 -19.43
N MET B 381 36.57 -17.55 -19.57
CA MET B 381 35.43 -17.43 -18.68
C MET B 381 34.61 -18.71 -18.66
N LYS B 382 34.32 -19.31 -19.84
CA LYS B 382 33.54 -20.55 -19.93
C LYS B 382 34.34 -21.75 -19.43
N PHE B 383 35.66 -21.78 -19.74
CA PHE B 383 36.56 -22.85 -19.34
C PHE B 383 36.56 -23.11 -17.82
N LYS B 384 36.78 -22.07 -16.98
CA LYS B 384 36.80 -22.20 -15.53
C LYS B 384 35.47 -22.68 -14.96
N ALA B 385 34.36 -22.31 -15.59
CA ALA B 385 33.03 -22.67 -15.14
C ALA B 385 32.69 -24.10 -15.50
N GLU B 386 33.11 -24.56 -16.69
CA GLU B 386 32.83 -25.92 -17.12
C GLU B 386 33.66 -26.90 -16.33
N VAL B 387 34.98 -26.65 -16.20
CA VAL B 387 35.86 -27.55 -15.43
C VAL B 387 35.76 -27.34 -13.91
N GLN B 388 35.05 -26.27 -13.44
CA GLN B 388 34.87 -25.95 -12.03
C GLN B 388 36.19 -25.76 -11.30
N SER B 389 37.12 -25.03 -11.91
CA SER B 389 38.44 -24.83 -11.35
C SER B 389 38.88 -23.39 -11.47
N ASN B 390 39.70 -22.93 -10.52
CA ASN B 390 40.30 -21.61 -10.63
C ASN B 390 41.54 -21.60 -11.56
N ARG B 391 41.96 -22.79 -12.06
CA ARG B 391 43.06 -22.93 -13.00
C ARG B 391 42.48 -22.65 -14.37
N GLY B 392 42.67 -21.44 -14.85
CA GLY B 392 42.17 -21.04 -16.15
C GLY B 392 43.16 -21.24 -17.25
N LEU B 393 42.96 -20.52 -18.35
CA LEU B 393 43.86 -20.59 -19.48
C LEU B 393 44.96 -19.56 -19.30
N THR B 394 46.17 -20.04 -18.97
CA THR B 394 47.39 -19.24 -18.77
C THR B 394 47.80 -18.51 -20.08
N LYS B 395 48.85 -17.64 -20.05
CA LYS B 395 49.32 -16.97 -21.26
C LYS B 395 49.81 -18.03 -22.27
N GLU B 396 50.60 -19.02 -21.79
CA GLU B 396 51.10 -20.15 -22.60
C GLU B 396 49.93 -20.89 -23.26
N ASN B 397 48.84 -21.17 -22.51
CA ASN B 397 47.67 -21.86 -23.04
C ASN B 397 47.03 -21.04 -24.14
N LEU B 398 46.88 -19.73 -23.93
CA LEU B 398 46.29 -18.84 -24.91
C LEU B 398 47.10 -18.75 -26.19
N VAL B 399 48.43 -18.92 -26.11
CA VAL B 399 49.29 -18.92 -27.29
C VAL B 399 49.02 -20.19 -28.12
N PHE B 400 48.92 -21.35 -27.45
CA PHE B 400 48.60 -22.62 -28.12
C PHE B 400 47.25 -22.53 -28.83
N LEU B 401 46.25 -21.89 -28.20
CA LEU B 401 44.93 -21.78 -28.82
C LEU B 401 44.95 -20.87 -30.03
N ALA B 402 45.76 -19.80 -29.98
CA ALA B 402 45.90 -18.87 -31.09
C ALA B 402 46.61 -19.55 -32.25
N GLN B 403 47.64 -20.36 -31.97
CA GLN B 403 48.38 -21.09 -33.00
C GLN B 403 47.44 -22.06 -33.72
N LYS B 404 46.63 -22.81 -32.95
CA LYS B 404 45.67 -23.77 -33.49
C LYS B 404 44.59 -23.10 -34.33
N LEU B 405 44.04 -21.99 -33.86
CA LEU B 405 43.00 -21.28 -34.58
C LEU B 405 43.48 -20.58 -35.85
N PHE B 406 44.54 -19.75 -35.78
CA PHE B 406 45.02 -19.01 -36.95
C PHE B 406 46.02 -19.75 -37.82
N ASN B 407 46.43 -20.96 -37.41
CA ASN B 407 47.44 -21.78 -38.13
C ASN B 407 48.79 -21.09 -38.29
N ASN B 408 49.14 -20.20 -37.33
CA ASN B 408 50.41 -19.48 -37.30
C ASN B 408 51.32 -20.11 -36.23
N SER B 409 52.65 -20.01 -36.39
CA SER B 409 53.60 -20.64 -35.48
C SER B 409 54.07 -19.75 -34.32
N SER B 410 53.70 -18.45 -34.32
CA SER B 410 54.18 -17.50 -33.32
C SER B 410 53.96 -17.92 -31.89
N SER B 411 55.02 -17.89 -31.09
CA SER B 411 54.91 -18.22 -29.66
C SER B 411 54.70 -16.98 -28.77
N HIS B 412 54.38 -15.82 -29.36
CA HIS B 412 54.16 -14.59 -28.62
C HIS B 412 52.70 -14.21 -28.71
N LEU B 413 52.02 -14.11 -27.56
CA LEU B 413 50.60 -13.77 -27.51
C LEU B 413 50.31 -12.37 -28.02
N GLU B 414 51.22 -11.41 -27.80
CA GLU B 414 51.04 -10.02 -28.19
C GLU B 414 50.93 -9.80 -29.72
N ASP B 415 51.36 -10.77 -30.52
CA ASP B 415 51.28 -10.70 -31.98
C ASP B 415 49.84 -10.84 -32.48
N TYR B 416 49.03 -11.62 -31.77
CA TYR B 416 47.65 -11.88 -32.12
C TYR B 416 46.66 -10.80 -31.63
N SER B 417 47.16 -9.71 -31.02
CA SER B 417 46.32 -8.63 -30.50
C SER B 417 45.36 -8.00 -31.52
N GLY B 418 45.85 -7.73 -32.72
CA GLY B 418 45.05 -7.09 -33.76
C GLY B 418 44.36 -8.02 -34.73
N LEU B 419 44.46 -9.34 -34.53
CA LEU B 419 43.79 -10.29 -35.40
C LEU B 419 42.32 -10.46 -35.03
N SER B 420 41.49 -10.80 -36.02
CA SER B 420 40.05 -10.95 -35.83
C SER B 420 39.54 -12.37 -36.10
N VAL B 421 38.41 -12.71 -35.48
CA VAL B 421 37.76 -14.01 -35.66
C VAL B 421 36.31 -13.72 -36.01
N SER B 422 35.85 -14.20 -37.16
CA SER B 422 34.46 -14.05 -37.55
C SER B 422 33.65 -15.19 -36.90
N TRP B 423 32.31 -15.15 -36.99
CA TRP B 423 31.50 -16.25 -36.47
C TRP B 423 31.78 -17.53 -37.31
N SER B 424 31.96 -17.37 -38.63
CA SER B 424 32.25 -18.50 -39.50
C SER B 424 33.58 -19.16 -39.10
N GLN B 425 34.60 -18.35 -38.76
CA GLN B 425 35.89 -18.88 -38.33
C GLN B 425 35.80 -19.65 -37.01
N PHE B 426 34.88 -19.26 -36.13
CA PHE B 426 34.70 -19.86 -34.83
C PHE B 426 33.94 -21.20 -34.85
N ASN B 427 32.78 -21.29 -35.54
CA ASN B 427 32.03 -22.56 -35.54
C ASN B 427 31.35 -22.91 -36.88
N ARG B 428 31.75 -22.29 -37.99
CA ARG B 428 31.17 -22.62 -39.28
C ARG B 428 32.20 -23.40 -40.12
N GLU B 429 33.26 -22.73 -40.57
CA GLU B 429 34.31 -23.39 -41.34
C GLU B 429 35.24 -24.18 -40.44
N ASN B 430 35.73 -25.32 -40.94
CA ASN B 430 36.62 -26.18 -40.18
C ASN B 430 38.06 -25.69 -40.22
N LEU B 431 38.87 -26.10 -39.22
CA LEU B 431 40.28 -25.74 -39.19
C LEU B 431 40.98 -26.41 -40.36
N PRO B 432 41.90 -25.70 -41.03
CA PRO B 432 42.55 -26.28 -42.22
C PRO B 432 43.02 -27.72 -42.06
N GLY B 433 42.44 -28.59 -42.88
CA GLY B 433 42.72 -30.03 -42.89
C GLY B 433 42.38 -30.73 -41.59
N TRP B 434 41.11 -30.57 -41.10
CA TRP B 434 40.75 -31.21 -39.84
C TRP B 434 39.34 -31.79 -39.73
N ASN B 435 38.38 -31.21 -40.44
CA ASN B 435 36.98 -31.66 -40.40
C ASN B 435 36.19 -31.19 -39.18
N TYR B 436 36.84 -30.49 -38.21
CA TYR B 436 36.16 -29.92 -37.04
C TYR B 436 36.39 -28.41 -36.96
N THR B 437 35.49 -27.68 -36.29
CA THR B 437 35.67 -26.23 -36.12
C THR B 437 36.50 -25.98 -34.83
N PHE B 438 37.03 -24.75 -34.66
CA PHE B 438 37.78 -24.40 -33.47
C PHE B 438 36.94 -24.58 -32.20
N TRP B 439 35.64 -24.21 -32.27
CA TRP B 439 34.77 -24.38 -31.11
C TRP B 439 34.58 -25.85 -30.81
N GLN B 440 34.36 -26.69 -31.82
CA GLN B 440 34.17 -28.12 -31.62
C GLN B 440 35.35 -28.77 -30.92
N TRP B 441 36.57 -28.30 -31.23
CA TRP B 441 37.77 -28.80 -30.58
C TRP B 441 37.85 -28.30 -29.13
N PHE B 442 37.64 -26.98 -28.91
CA PHE B 442 37.69 -26.39 -27.58
C PHE B 442 36.62 -26.97 -26.64
N ASP B 443 35.42 -27.19 -27.18
CA ASP B 443 34.30 -27.79 -26.46
C ASP B 443 34.59 -29.25 -26.13
N GLY B 444 35.25 -29.96 -27.07
CA GLY B 444 35.65 -31.36 -26.90
C GLY B 444 36.58 -31.52 -25.73
N VAL B 445 37.50 -30.56 -25.55
CA VAL B 445 38.46 -30.51 -24.45
C VAL B 445 37.73 -30.26 -23.13
N MET B 446 36.80 -29.30 -23.09
CA MET B 446 36.03 -29.04 -21.88
C MET B 446 35.18 -30.24 -21.51
N GLU B 447 34.66 -30.97 -22.51
CA GLU B 447 33.78 -32.11 -22.28
C GLU B 447 34.49 -33.30 -21.66
N VAL B 448 35.67 -33.68 -22.17
CA VAL B 448 36.42 -34.79 -21.58
C VAL B 448 36.94 -34.41 -20.19
N LEU B 449 37.31 -33.14 -20.00
CA LEU B 449 37.79 -32.66 -18.72
C LEU B 449 36.68 -32.69 -17.67
N LYS B 450 35.51 -32.07 -17.94
CA LYS B 450 34.43 -32.00 -16.96
C LYS B 450 33.78 -33.36 -16.67
N LYS B 451 33.75 -34.27 -17.66
CA LYS B 451 33.12 -35.58 -17.46
C LYS B 451 33.74 -36.39 -16.34
N HIS B 452 35.08 -36.57 -16.34
CA HIS B 452 35.71 -37.37 -15.30
C HIS B 452 37.06 -36.85 -14.77
N HIS B 453 37.63 -35.81 -15.41
CA HIS B 453 38.97 -35.34 -15.03
C HIS B 453 39.02 -34.01 -14.32
N LYS B 454 37.92 -33.60 -13.68
CA LYS B 454 37.86 -32.35 -12.91
C LYS B 454 38.97 -32.28 -11.84
N PRO B 455 39.17 -33.32 -10.97
CA PRO B 455 40.25 -33.23 -9.99
C PRO B 455 41.63 -33.22 -10.63
N HIS B 456 41.83 -33.96 -11.73
CA HIS B 456 43.11 -34.05 -12.43
C HIS B 456 43.54 -32.73 -13.03
N TRP B 457 42.62 -32.01 -13.71
CA TRP B 457 42.97 -30.71 -14.29
C TRP B 457 43.34 -29.73 -13.20
N ASN B 458 42.56 -29.74 -12.11
CA ASN B 458 42.76 -28.87 -10.97
C ASN B 458 44.14 -29.06 -10.35
N ASP B 459 44.57 -30.32 -10.17
CA ASP B 459 45.89 -30.66 -9.61
C ASP B 459 47.07 -30.29 -10.50
N GLY B 460 46.82 -30.01 -11.77
CA GLY B 460 47.89 -29.73 -12.72
C GLY B 460 48.49 -31.01 -13.29
N ALA B 461 47.79 -32.16 -13.10
CA ALA B 461 48.18 -33.48 -13.61
C ALA B 461 48.09 -33.52 -15.14
N ILE B 462 47.13 -32.79 -15.72
CA ILE B 462 46.98 -32.71 -17.17
C ILE B 462 47.59 -31.39 -17.63
N LEU B 463 48.72 -31.42 -18.37
CA LEU B 463 49.31 -30.20 -18.91
C LEU B 463 48.38 -29.66 -20.00
N GLY B 464 47.92 -30.55 -20.88
CA GLY B 464 46.94 -30.27 -21.90
C GLY B 464 47.31 -29.47 -23.12
N PHE B 465 47.30 -28.14 -23.01
CA PHE B 465 47.50 -27.24 -24.14
C PHE B 465 48.95 -27.09 -24.62
N VAL B 466 49.45 -28.14 -25.30
CA VAL B 466 50.79 -28.22 -25.91
C VAL B 466 50.68 -29.04 -27.21
N ASN B 467 51.55 -28.77 -28.19
CA ASN B 467 51.56 -29.55 -29.42
C ASN B 467 52.69 -30.60 -29.39
N LYS B 468 52.73 -31.53 -30.37
CA LYS B 468 53.76 -32.57 -30.45
C LYS B 468 55.18 -32.02 -30.34
N GLN B 469 55.44 -30.86 -30.97
CA GLN B 469 56.74 -30.19 -30.91
C GLN B 469 57.00 -29.62 -29.51
N GLN B 470 55.98 -28.96 -28.91
CA GLN B 470 56.09 -28.38 -27.57
C GLN B 470 56.43 -29.46 -26.54
N ALA B 471 55.76 -30.62 -26.62
CA ALA B 471 56.00 -31.72 -25.70
C ALA B 471 57.41 -32.30 -25.85
N HIS B 472 57.94 -32.28 -27.08
CA HIS B 472 59.28 -32.77 -27.35
C HIS B 472 60.30 -31.90 -26.61
N ASP B 473 60.21 -30.56 -26.77
CA ASP B 473 61.15 -29.62 -26.16
C ASP B 473 61.15 -29.66 -24.64
N LEU B 474 59.98 -29.89 -24.03
CA LEU B 474 59.88 -29.96 -22.58
C LEU B 474 60.42 -31.29 -22.02
N LEU B 475 60.48 -32.35 -22.83
CA LEU B 475 60.90 -33.66 -22.36
C LEU B 475 62.28 -34.18 -22.78
N ILE B 476 62.95 -33.61 -23.81
CA ILE B 476 64.26 -34.15 -24.24
C ILE B 476 65.35 -34.08 -23.15
N ASN B 477 65.37 -33.01 -22.35
CA ASN B 477 66.34 -32.88 -21.27
C ASN B 477 65.73 -33.33 -19.93
N LYS B 478 65.04 -34.48 -19.96
CA LYS B 478 64.38 -35.07 -18.80
C LYS B 478 64.75 -36.56 -18.70
N PRO B 479 64.65 -37.19 -17.50
CA PRO B 479 65.00 -38.62 -17.40
C PRO B 479 64.00 -39.54 -18.08
N ASP B 480 64.41 -40.78 -18.38
CA ASP B 480 63.54 -41.77 -19.02
C ASP B 480 62.33 -42.05 -18.16
N GLY B 481 61.18 -42.11 -18.79
CA GLY B 481 59.93 -42.31 -18.06
C GLY B 481 59.15 -41.04 -17.78
N THR B 482 59.74 -39.86 -18.09
CA THR B 482 59.03 -38.59 -17.87
C THR B 482 58.00 -38.41 -18.96
N PHE B 483 56.76 -38.08 -18.59
CA PHE B 483 55.67 -37.96 -19.56
C PHE B 483 54.73 -36.78 -19.26
N LEU B 484 53.87 -36.42 -20.23
CA LEU B 484 52.88 -35.38 -20.01
C LEU B 484 51.57 -35.67 -20.75
N LEU B 485 50.42 -35.37 -20.10
CA LEU B 485 49.11 -35.57 -20.72
C LEU B 485 48.81 -34.39 -21.60
N ARG B 486 48.39 -34.66 -22.82
CA ARG B 486 48.18 -33.65 -23.84
C ARG B 486 46.79 -33.75 -24.49
N PHE B 487 46.36 -32.69 -25.19
CA PHE B 487 45.11 -32.73 -25.91
C PHE B 487 45.38 -33.12 -27.35
N SER B 488 44.72 -34.19 -27.79
CA SER B 488 44.84 -34.76 -29.11
C SER B 488 44.29 -33.82 -30.18
N ASP B 489 45.03 -33.63 -31.28
CA ASP B 489 44.60 -32.80 -32.40
C ASP B 489 43.60 -33.56 -33.29
N SER B 490 43.95 -34.81 -33.66
CA SER B 490 43.13 -35.63 -34.54
C SER B 490 41.83 -36.14 -33.92
N GLU B 491 41.78 -36.33 -32.60
CA GLU B 491 40.55 -36.83 -31.96
C GLU B 491 39.90 -35.82 -31.03
N ILE B 492 38.60 -35.55 -31.23
CA ILE B 492 37.85 -34.60 -30.40
C ILE B 492 37.66 -35.18 -29.01
N GLY B 493 38.08 -34.43 -27.99
CA GLY B 493 37.97 -34.86 -26.61
C GLY B 493 38.93 -35.98 -26.26
N GLY B 494 40.11 -35.97 -26.90
CA GLY B 494 41.12 -36.99 -26.71
C GLY B 494 42.31 -36.55 -25.89
N ILE B 495 42.81 -37.47 -25.05
CA ILE B 495 43.98 -37.27 -24.18
C ILE B 495 45.05 -38.30 -24.56
N THR B 496 46.14 -37.81 -25.14
CA THR B 496 47.28 -38.63 -25.56
C THR B 496 48.43 -38.45 -24.56
N ILE B 497 49.24 -39.50 -24.38
CA ILE B 497 50.40 -39.42 -23.49
C ILE B 497 51.66 -39.22 -24.31
N ALA B 498 52.42 -38.15 -24.06
CA ALA B 498 53.68 -37.93 -24.74
C ALA B 498 54.73 -38.29 -23.71
N TRP B 499 55.47 -39.37 -23.93
CA TRP B 499 56.44 -39.86 -22.97
C TRP B 499 57.87 -39.87 -23.56
N LYS B 500 58.89 -39.70 -22.70
CA LYS B 500 60.28 -39.68 -23.16
C LYS B 500 61.10 -40.91 -22.77
N PHE B 501 61.74 -41.52 -23.76
CA PHE B 501 62.61 -42.68 -23.52
C PHE B 501 63.63 -42.74 -24.63
N ASP B 502 64.91 -42.52 -24.29
CA ASP B 502 66.03 -42.54 -25.22
C ASP B 502 66.10 -43.86 -25.95
N SER B 503 66.05 -43.79 -27.28
CA SER B 503 66.08 -44.96 -28.16
C SER B 503 66.80 -44.54 -29.45
N PRO B 504 67.51 -45.45 -30.12
CA PRO B 504 68.23 -45.08 -31.36
C PRO B 504 67.34 -44.46 -32.46
N GLU B 505 66.06 -44.86 -32.53
CA GLU B 505 65.16 -44.33 -33.56
C GLU B 505 64.42 -43.04 -33.13
N ARG B 506 64.05 -42.93 -31.84
CA ARG B 506 63.34 -41.75 -31.38
C ARG B 506 63.60 -41.45 -29.89
N ASN B 507 63.33 -40.20 -29.49
CA ASN B 507 63.47 -39.78 -28.10
C ASN B 507 62.09 -39.48 -27.48
N LEU B 508 61.11 -39.09 -28.31
CA LEU B 508 59.76 -38.76 -27.89
C LEU B 508 58.74 -39.72 -28.48
N TRP B 509 57.90 -40.29 -27.63
CA TRP B 509 56.87 -41.23 -28.07
C TRP B 509 55.48 -40.77 -27.67
N ASN B 510 54.62 -40.56 -28.66
CA ASN B 510 53.25 -40.17 -28.44
C ASN B 510 52.35 -41.39 -28.54
N LEU B 511 51.73 -41.80 -27.41
CA LEU B 511 50.82 -42.95 -27.37
C LEU B 511 49.47 -42.67 -28.01
N LYS B 512 48.73 -43.71 -28.35
CA LYS B 512 47.41 -43.58 -28.97
C LYS B 512 46.41 -42.83 -28.07
N PRO B 513 45.71 -41.83 -28.63
CA PRO B 513 44.78 -41.03 -27.80
C PRO B 513 43.57 -41.75 -27.21
N PHE B 514 43.29 -41.50 -25.93
CA PHE B 514 42.10 -42.06 -25.27
C PHE B 514 40.99 -41.03 -25.29
N THR B 515 39.75 -41.48 -25.44
CA THR B 515 38.59 -40.59 -25.42
C THR B 515 37.66 -40.99 -24.26
N THR B 516 36.58 -40.22 -24.00
CA THR B 516 35.65 -40.54 -22.91
C THR B 516 35.16 -41.99 -22.93
N ARG B 517 35.07 -42.58 -24.13
CA ARG B 517 34.63 -43.96 -24.27
C ARG B 517 35.60 -44.91 -23.59
N ASP B 518 36.92 -44.68 -23.77
CA ASP B 518 37.95 -45.53 -23.19
C ASP B 518 38.06 -45.35 -21.67
N PHE B 519 37.87 -44.12 -21.19
CA PHE B 519 37.90 -43.82 -19.75
C PHE B 519 36.74 -44.47 -18.98
N SER B 520 35.67 -44.88 -19.67
CA SER B 520 34.56 -45.61 -19.06
C SER B 520 35.00 -47.05 -18.76
N ILE B 521 35.73 -47.67 -19.71
CA ILE B 521 36.25 -49.02 -19.59
C ILE B 521 37.31 -49.09 -18.48
N ARG B 522 38.15 -48.05 -18.38
CA ARG B 522 39.21 -47.98 -17.39
C ARG B 522 39.62 -46.53 -17.27
N SER B 523 39.61 -45.99 -16.05
CA SER B 523 39.93 -44.59 -15.82
C SER B 523 41.36 -44.22 -16.22
N LEU B 524 41.59 -42.93 -16.52
CA LEU B 524 42.89 -42.37 -16.89
C LEU B 524 43.95 -42.71 -15.86
N ALA B 525 43.65 -42.59 -14.57
CA ALA B 525 44.61 -42.91 -13.53
C ALA B 525 44.96 -44.40 -13.52
N ASP B 526 43.96 -45.29 -13.61
CA ASP B 526 44.23 -46.74 -13.64
C ASP B 526 45.17 -47.13 -14.79
N ARG B 527 44.93 -46.60 -16.00
CA ARG B 527 45.72 -46.84 -17.19
C ARG B 527 47.15 -46.41 -17.00
N LEU B 528 47.37 -45.24 -16.39
CA LEU B 528 48.72 -44.78 -16.10
C LEU B 528 49.42 -45.68 -15.08
N GLY B 529 48.65 -46.25 -14.14
CA GLY B 529 49.16 -47.19 -13.14
C GLY B 529 49.58 -48.52 -13.73
N ASP B 530 48.99 -48.92 -14.88
CA ASP B 530 49.33 -50.16 -15.59
C ASP B 530 50.66 -50.03 -16.34
N LEU B 531 50.96 -48.83 -16.86
CA LEU B 531 52.14 -48.56 -17.67
C LEU B 531 53.38 -48.25 -16.83
N SER B 532 54.19 -49.29 -16.59
CA SER B 532 55.42 -49.23 -15.79
C SER B 532 56.45 -48.23 -16.33
N TYR B 533 56.53 -48.08 -17.67
CA TYR B 533 57.49 -47.14 -18.28
C TYR B 533 57.20 -45.68 -17.94
N LEU B 534 55.97 -45.33 -17.54
CA LEU B 534 55.66 -43.96 -17.14
C LEU B 534 56.05 -43.84 -15.66
N ILE B 535 57.09 -43.06 -15.35
CA ILE B 535 57.63 -42.97 -13.98
C ILE B 535 57.48 -41.57 -13.34
N TYR B 536 57.68 -40.51 -14.13
CA TYR B 536 57.58 -39.15 -13.60
C TYR B 536 56.67 -38.28 -14.45
N VAL B 537 55.62 -37.71 -13.86
CA VAL B 537 54.76 -36.78 -14.58
C VAL B 537 55.50 -35.45 -14.61
N PHE B 538 55.71 -34.92 -15.81
CA PHE B 538 56.40 -33.66 -16.04
C PHE B 538 55.90 -32.50 -15.17
N PRO B 539 56.79 -31.87 -14.40
CA PRO B 539 58.24 -32.11 -14.30
C PRO B 539 58.67 -32.76 -12.96
N ASP B 540 59.51 -33.79 -13.01
CA ASP B 540 60.08 -34.45 -11.81
C ASP B 540 59.14 -35.17 -10.82
N ARG B 541 57.81 -34.95 -10.85
CA ARG B 541 56.91 -35.57 -9.87
C ARG B 541 56.69 -37.07 -10.07
N PRO B 542 56.81 -37.90 -9.03
CA PRO B 542 56.53 -39.35 -9.21
C PRO B 542 55.07 -39.59 -9.59
N LYS B 543 54.82 -40.63 -10.40
CA LYS B 543 53.49 -40.98 -10.89
C LYS B 543 52.52 -41.33 -9.77
N ASP B 544 52.99 -42.03 -8.73
CA ASP B 544 52.13 -42.38 -7.59
C ASP B 544 51.82 -41.16 -6.73
N GLU B 545 52.70 -40.16 -6.69
CA GLU B 545 52.45 -38.94 -5.94
C GLU B 545 51.25 -38.18 -6.55
N VAL B 546 51.13 -38.19 -7.88
CA VAL B 546 50.08 -37.48 -8.59
C VAL B 546 48.80 -38.32 -8.86
N PHE B 547 48.92 -39.64 -9.04
CA PHE B 547 47.77 -40.45 -9.43
C PHE B 547 47.30 -41.50 -8.43
N SER B 548 48.13 -41.94 -7.48
CA SER B 548 47.71 -42.98 -6.51
C SER B 548 46.40 -42.64 -5.78
N LYS B 549 46.07 -41.36 -5.68
CA LYS B 549 44.83 -40.89 -5.08
C LYS B 549 43.57 -41.39 -5.84
N TYR B 550 43.71 -41.65 -7.16
CA TYR B 550 42.62 -42.05 -8.05
C TYR B 550 42.65 -43.49 -8.53
N TYR B 551 43.63 -44.31 -8.10
CA TYR B 551 43.67 -45.71 -8.49
C TYR B 551 42.47 -46.43 -7.87
N THR B 552 41.86 -47.35 -8.60
CA THR B 552 40.72 -48.10 -8.11
C THR B 552 41.13 -49.23 -7.16
N PRO B 553 40.60 -49.27 -5.93
CA PRO B 553 40.90 -50.41 -5.05
C PRO B 553 40.10 -51.63 -5.52
N VAL B 554 40.74 -52.81 -5.62
CA VAL B 554 40.06 -54.00 -6.14
C VAL B 554 39.04 -54.57 -5.14
N LEU B 555 37.77 -54.19 -5.31
CA LEU B 555 36.67 -54.64 -4.45
C LEU B 555 36.20 -56.03 -4.83
N ALA B 556 36.11 -56.93 -3.84
CA ALA B 556 35.63 -58.29 -4.07
C ALA B 556 34.08 -58.33 -4.22
N LYS B 557 33.52 -59.46 -4.71
CA LYS B 557 32.07 -59.55 -4.96
C LYS B 557 31.30 -60.48 -4.03
N ALA B 558 29.99 -60.22 -3.86
CA ALA B 558 29.09 -61.05 -3.05
C ALA B 558 28.93 -62.43 -3.69
N VAL B 559 28.90 -62.48 -5.03
CA VAL B 559 28.80 -63.71 -5.80
C VAL B 559 29.99 -64.66 -5.51
N ASP B 560 31.17 -64.09 -5.17
CA ASP B 560 32.37 -64.87 -4.85
C ASP B 560 32.45 -65.35 -3.38
N GLY B 561 31.40 -65.08 -2.58
CA GLY B 561 31.33 -65.53 -1.19
C GLY B 561 31.76 -64.55 -0.11
N TYR B 562 32.16 -63.34 -0.49
CA TYR B 562 32.61 -62.32 0.48
C TYR B 562 31.40 -61.67 1.15
N VAL B 563 31.18 -61.99 2.43
CA VAL B 563 30.01 -61.50 3.18
C VAL B 563 30.11 -60.02 3.60
N LYS B 564 31.33 -59.47 3.66
CA LYS B 564 31.54 -58.07 4.03
C LYS B 564 32.47 -57.38 3.02
N PRO B 565 32.35 -56.05 2.82
CA PRO B 565 33.23 -55.38 1.85
C PRO B 565 34.72 -55.61 2.15
N GLN B 566 35.46 -56.06 1.15
CA GLN B 566 36.86 -56.42 1.31
C GLN B 566 37.64 -56.04 0.06
N ILE B 567 38.83 -55.46 0.22
CA ILE B 567 39.65 -55.07 -0.92
C ILE B 567 40.79 -56.09 -1.16
#